data_9KZ2
#
_entry.id   9KZ2
#
_cell.length_a   1.00
_cell.length_b   1.00
_cell.length_c   1.00
_cell.angle_alpha   90.00
_cell.angle_beta   90.00
_cell.angle_gamma   90.00
#
_symmetry.space_group_name_H-M   'P 1'
#
loop_
_entity.id
_entity.type
_entity.pdbx_description
1 polymer 'EP67 ligand'
2 polymer 'Guanine nucleotide-binding protein G(I)/G(S)/G(T) subunit beta-1'
3 polymer 'Guanine nucleotide-binding protein G(o) subunit alpha'
4 polymer 'Guanine nucleotide-binding protein G(I)/G(S)/G(O) subunit gamma-2'
5 polymer 'Antibody fragment - ScFv16'
6 polymer 'Muscarinic acetylcholine receptor M4,C3a anaphylatoxin chemotactic receptor'
#
loop_
_entity_poly.entity_id
_entity_poly.type
_entity_poly.pdbx_seq_one_letter_code
_entity_poly.pdbx_strand_id
1 'polypeptide(L)' YSFKDMP(MLE)(DAL)R D
2 'polypeptide(L)'
;MHHHHHHGSSGSELDQLRQEAEQLKNQIRDARKACADATLSQITNNIDPVGRIQMRTRRTLRGHLAKIYAMHWGTDSRLL
VSASQDGKLIIWDSYTTNKVHAIPLRSSWVMTCAYAPSGNYVACGGLDNICSIYNLKTREGNVRVSRELAGHTGYLSCCR
FLDDNQIVTSSGDTTCALWDIETGQQTTTFTGHTGDVMSLSLAPDTRLFVSGACDASAKLWDVREGMCRQTFTGHESDIN
AICFFPNGNAFATGSDDATCRLFDLRADQELMTYSHDNIICGITSVSFSKSGRLLLAGYDDFNCNVWDALKADRAGVLAG
HDNRVSCLGVTDDGMAVATGSWDSFLKIWN
;
B
3 'polypeptide(L)'
;MGHHHHHHENLYFQGTLSAEERAALERSKAIEKNLKEDGISAAKDVKLLLLGADNSGKSTIVKQMKIIHGGSGGSGGTTG
IVETHFTFKNLHFRLFDVGGQRSERKKWIHCFEDVTAIIFCVDLSDYDQVLHEDETTNRMHESLMLFDSICNNKFFIDTS
IILFLNKKDLFGEKIKKSPLTICFPEYTGPNTYEDAAAYIQAQFESKNRSPNKEIYCHMTCATDTNNAQVIFDAVTDIII
ANNLRGCGLY
;
A
4 'polypeptide(L)' MASNNTASIAQARKLVEQLKMEANIDRIKVSKAAADLMAYCEAHAKEDPLLTPVPASENPFREKKFFCAIL G
5 'polypeptide(L)'
;DVQLVESGGGLVQPGGSRKLSCSASGFAFSSFGMHWVRQAPEKGLEWVAYISSGSGTIYYADTVKGRFTISRDDPKNTLF
LQMTSLRSEDTAMYYCVRSIYYYGSSPFDFWGQGTTLTVSSGGGGSGGGGSGGGGSDIVMTQATSSVPVTPGESVSISCR
SSKSLLHSNGNTYLYWFLQRPGQSPQLLIYRMSNLASGVPDRFSGSGSGTAFTLTISRLEAEDVGVYYCMQHLEYPLTFG
AGTKLELK
;
H
6 'polypeptide(L)'
;MGKTIIALSYIFCLVFADYKDDDDAANFTPVNGSSGNQSVRLVTSSSLEVLFQGPGSASFSAETNSTDLLSQPWNEPPVI
LSMVILSLTFLLGLPGNGLVLWVAGLKMQRTVNTIWFLHLTLADLLCCLSLPFSLAHLALQGQWPYGRFLCKLIPSIIVL
NMFASVFLLTAISLDRCLVVFKPIWCQNHRNVGMACSICGCIWVVAFVMCIPVFVYREIFTTDNHNRCGYKFGLSSSLDY
PDFYGDPLENRSLENIVQPPGEMNDRLDPSSFQTNDHPWTVPTVFQPQTFQRPSADSLPRGSARLTSQNLYSNVFKPADV
VSPKIPSGFPIEDHETSPLDNSDAFLSTHLKLFPSASSNSFYESELPQGFQDYYNLGQFTDDDQVPTPLVAITITRLVVG
FLLPSVIMIACYSFIVFRMQRGRFAKSQSKTFRVAVVVVAVFLVCWTPYHIFGVLSLLTDPETPLGKTLMSWDHVCIALA
SANSCFNPFLYALLGKDFRKKARQSIQGILEAAFSEELTRSTHCPSNNVISERNSTTV
;
C
#
# COMPACT_ATOMS: atom_id res chain seq x y z
N TYR A 1 61.47 1.60 2.50
CA TYR A 1 62.64 2.34 2.95
C TYR A 1 62.38 3.84 2.95
N SER A 2 63.39 4.61 3.35
CA SER A 2 63.32 6.07 3.40
C SER A 2 62.21 6.54 4.33
N PHE A 3 61.94 7.85 4.32
CA PHE A 3 60.90 8.45 5.13
C PHE A 3 59.90 9.13 4.19
N LYS A 4 58.64 8.71 4.29
CA LYS A 4 57.58 9.24 3.43
C LYS A 4 56.38 9.59 4.28
N ASP A 5 55.95 10.85 4.21
CA ASP A 5 54.89 11.39 5.06
C ASP A 5 53.78 11.95 4.17
N MET A 6 52.54 11.53 4.42
CA MET A 6 51.39 12.04 3.71
C MET A 6 50.35 12.55 4.70
N PRO A 7 49.51 13.52 4.33
CA PRO A 7 48.31 13.89 5.08
C PRO A 7 47.11 13.05 4.67
N ARG A 10 46.25 9.45 0.70
CA ARG A 10 46.91 8.33 0.04
C ARG A 10 46.57 7.00 0.70
CA LEU B 14 -47.39 17.95 -20.87
C LEU B 14 -47.27 19.34 -20.27
N ASP B 15 -47.84 20.33 -20.97
CA ASP B 15 -47.79 21.70 -20.46
C ASP B 15 -48.51 21.83 -19.14
N GLN B 16 -49.69 21.21 -19.02
CA GLN B 16 -50.40 21.21 -17.74
C GLN B 16 -49.61 20.47 -16.68
N LEU B 17 -49.01 19.33 -17.05
CA LEU B 17 -48.18 18.59 -16.10
C LEU B 17 -46.95 19.38 -15.70
N ARG B 18 -46.34 20.09 -16.65
CA ARG B 18 -45.18 20.93 -16.32
C ARG B 18 -45.56 22.04 -15.35
N GLN B 19 -46.71 22.68 -15.57
CA GLN B 19 -47.17 23.71 -14.64
C GLN B 19 -47.49 23.11 -13.28
N GLU B 20 -48.07 21.91 -13.25
CA GLU B 20 -48.33 21.25 -11.97
C GLU B 20 -47.03 20.97 -11.21
N ALA B 21 -46.02 20.48 -11.92
CA ALA B 21 -44.73 20.25 -11.28
C ALA B 21 -44.12 21.54 -10.78
N GLU B 22 -44.22 22.62 -11.57
CA GLU B 22 -43.67 23.90 -11.16
C GLU B 22 -44.36 24.43 -9.91
N GLN B 23 -45.69 24.34 -9.84
CA GLN B 23 -46.38 24.84 -8.66
C GLN B 23 -46.14 23.95 -7.46
N LEU B 24 -45.93 22.64 -7.68
CA LEU B 24 -45.54 21.76 -6.58
C LEU B 24 -44.17 22.14 -6.03
N LYS B 25 -43.23 22.46 -6.92
CA LYS B 25 -41.92 22.90 -6.48
C LYS B 25 -42.01 24.21 -5.71
N ASN B 26 -42.83 25.14 -6.20
CA ASN B 26 -43.03 26.40 -5.48
C ASN B 26 -43.65 26.16 -4.11
N GLN B 27 -44.61 25.22 -4.04
CA GLN B 27 -45.26 24.93 -2.77
C GLN B 27 -44.29 24.33 -1.77
N ILE B 28 -43.45 23.37 -2.20
CA ILE B 28 -42.51 22.78 -1.27
C ILE B 28 -41.45 23.79 -0.85
N ARG B 29 -41.03 24.67 -1.78
CA ARG B 29 -40.08 25.71 -1.43
C ARG B 29 -40.67 26.66 -0.40
N ASP B 30 -41.94 27.06 -0.58
CA ASP B 30 -42.58 27.93 0.40
C ASP B 30 -42.72 27.23 1.74
N ALA B 31 -43.06 25.94 1.73
CA ALA B 31 -43.20 25.19 2.98
C ALA B 31 -41.89 25.13 3.74
N ARG B 32 -40.79 24.86 3.04
CA ARG B 32 -39.50 24.79 3.73
C ARG B 32 -39.00 26.18 4.12
N LYS B 33 -39.40 27.22 3.38
CA LYS B 33 -38.96 28.57 3.72
C LYS B 33 -39.71 29.13 4.92
N ALA B 34 -40.99 28.79 5.07
CA ALA B 34 -41.78 29.33 6.17
C ALA B 34 -41.37 28.76 7.53
N CYS B 35 -40.74 27.59 7.54
CA CYS B 35 -40.33 26.94 8.79
C CYS B 35 -38.91 27.27 9.19
N ALA B 36 -38.19 28.09 8.41
CA ALA B 36 -36.80 28.44 8.70
C ALA B 36 -36.78 29.77 9.44
N ASP B 37 -37.07 29.71 10.74
CA ASP B 37 -37.05 30.93 11.55
C ASP B 37 -35.64 31.49 11.67
N ALA B 38 -34.66 30.61 11.87
CA ALA B 38 -33.27 31.04 12.04
C ALA B 38 -32.35 29.90 11.63
N THR B 39 -31.08 30.24 11.44
CA THR B 39 -30.06 29.28 11.05
C THR B 39 -29.34 28.73 12.28
N LEU B 40 -28.55 27.68 12.05
CA LEU B 40 -27.83 27.05 13.15
C LEU B 40 -26.81 27.99 13.77
N SER B 41 -26.15 28.80 12.95
CA SER B 41 -25.12 29.70 13.45
C SER B 41 -25.68 30.74 14.41
N GLN B 42 -26.97 31.05 14.33
CA GLN B 42 -27.58 32.04 15.21
C GLN B 42 -28.02 31.45 16.55
N ILE B 43 -27.93 30.14 16.73
CA ILE B 43 -28.38 29.51 17.96
C ILE B 43 -27.25 28.83 18.73
N THR B 44 -26.12 28.53 18.10
CA THR B 44 -24.99 27.91 18.77
C THR B 44 -23.89 28.91 19.11
N ASN B 45 -24.20 30.20 19.11
CA ASN B 45 -23.20 31.22 19.39
C ASN B 45 -22.66 31.13 20.81
N ASN B 46 -23.48 30.69 21.77
CA ASN B 46 -23.13 30.71 23.18
C ASN B 46 -22.51 29.40 23.65
N ILE B 47 -21.79 28.69 22.78
CA ILE B 47 -21.09 27.47 23.15
C ILE B 47 -19.59 27.69 23.01
N ASP B 48 -18.83 26.94 23.81
CA ASP B 48 -17.38 27.06 23.78
C ASP B 48 -16.80 26.29 22.60
N PRO B 49 -15.97 26.92 21.77
CA PRO B 49 -15.37 26.19 20.64
C PRO B 49 -14.40 25.13 21.13
N VAL B 50 -14.21 24.11 20.28
CA VAL B 50 -13.29 23.02 20.64
C VAL B 50 -11.84 23.47 20.66
N GLY B 51 -11.53 24.61 20.05
CA GLY B 51 -10.16 25.09 20.05
C GLY B 51 -9.29 24.30 19.09
N ARG B 52 -7.98 24.43 19.30
CA ARG B 52 -7.00 23.76 18.45
C ARG B 52 -7.03 22.26 18.75
N ILE B 53 -7.46 21.46 17.78
CA ILE B 53 -7.51 20.01 17.94
C ILE B 53 -6.40 19.39 17.10
N GLN B 54 -5.25 19.16 17.72
CA GLN B 54 -4.11 18.57 17.03
C GLN B 54 -4.13 17.05 17.16
N MET B 55 -3.63 16.38 16.13
CA MET B 55 -3.54 14.93 16.12
C MET B 55 -2.20 14.52 15.51
N ARG B 56 -1.71 13.36 15.93
CA ARG B 56 -0.42 12.87 15.50
C ARG B 56 -0.58 11.47 14.91
N THR B 57 0.30 11.14 13.96
CA THR B 57 0.24 9.84 13.30
C THR B 57 0.80 8.76 14.23
N ARG B 58 -0.09 8.12 15.00
CA ARG B 58 0.35 7.09 15.92
C ARG B 58 0.90 5.88 15.17
N ARG B 59 0.24 5.47 14.10
CA ARG B 59 0.65 4.32 13.31
C ARG B 59 0.69 4.69 11.83
N THR B 60 1.71 4.20 11.14
CA THR B 60 1.83 4.35 9.69
C THR B 60 1.89 2.96 9.09
N LEU B 61 0.80 2.52 8.47
CA LEU B 61 0.69 1.20 7.88
C LEU B 61 1.11 1.29 6.41
N ARG B 62 2.13 0.54 6.04
CA ARG B 62 2.73 0.61 4.71
C ARG B 62 2.66 -0.79 4.08
N GLY B 63 1.57 -1.07 3.38
CA GLY B 63 1.40 -2.37 2.77
C GLY B 63 1.14 -2.39 1.28
N HIS B 64 0.61 -1.30 0.74
CA HIS B 64 0.15 -1.27 -0.65
C HIS B 64 1.19 -0.65 -1.57
N LEU B 65 0.90 -0.73 -2.87
CA LEU B 65 1.77 -0.17 -3.90
C LEU B 65 1.06 0.70 -4.91
N ALA B 66 -0.28 0.79 -4.87
CA ALA B 66 -1.02 1.64 -5.79
C ALA B 66 -1.93 2.59 -5.02
N LYS B 67 -2.81 3.29 -5.73
CA LYS B 67 -3.71 4.23 -5.08
C LYS B 67 -4.74 3.49 -4.23
N ILE B 68 -5.00 4.00 -3.03
CA ILE B 68 -5.97 3.42 -2.11
C ILE B 68 -7.24 4.27 -2.15
N TYR B 69 -8.39 3.63 -2.35
CA TYR B 69 -9.65 4.35 -2.46
C TYR B 69 -10.58 4.18 -1.28
N ALA B 70 -10.61 3.01 -0.64
CA ALA B 70 -11.57 2.76 0.42
C ALA B 70 -10.89 2.08 1.61
N MET B 71 -11.35 2.43 2.81
CA MET B 71 -10.83 1.83 4.04
C MET B 71 -11.94 1.92 5.09
N HIS B 72 -12.49 0.77 5.46
CA HIS B 72 -13.61 0.70 6.39
C HIS B 72 -13.20 0.00 7.69
N TRP B 73 -13.59 0.59 8.81
CA TRP B 73 -13.30 0.01 10.11
C TRP B 73 -14.21 -1.18 10.37
N GLY B 74 -13.69 -2.16 11.11
CA GLY B 74 -14.49 -3.29 11.51
C GLY B 74 -15.43 -2.94 12.66
N THR B 75 -16.34 -3.87 12.95
CA THR B 75 -17.29 -3.65 14.03
C THR B 75 -16.61 -3.68 15.39
N ASP B 76 -15.49 -4.37 15.50
CA ASP B 76 -14.76 -4.47 16.76
C ASP B 76 -13.75 -3.33 16.96
N SER B 77 -13.65 -2.41 15.99
CA SER B 77 -12.72 -1.28 16.07
C SER B 77 -11.27 -1.74 16.20
N ARG B 78 -10.94 -2.88 15.59
CA ARG B 78 -9.57 -3.39 15.66
C ARG B 78 -9.03 -3.71 14.28
N LEU B 79 -9.88 -4.20 13.38
CA LEU B 79 -9.47 -4.63 12.06
C LEU B 79 -9.95 -3.62 11.03
N LEU B 80 -9.03 -3.16 10.17
CA LEU B 80 -9.35 -2.24 9.09
C LEU B 80 -9.02 -2.90 7.77
N VAL B 81 -9.97 -2.88 6.84
CA VAL B 81 -9.79 -3.47 5.51
C VAL B 81 -9.58 -2.34 4.51
N SER B 82 -8.58 -2.49 3.66
CA SER B 82 -8.23 -1.48 2.68
C SER B 82 -8.35 -2.03 1.26
N ALA B 83 -8.66 -1.14 0.32
CA ALA B 83 -8.79 -1.49 -1.08
C ALA B 83 -7.88 -0.62 -1.91
N SER B 84 -7.32 -1.19 -2.99
CA SER B 84 -6.38 -0.47 -3.84
C SER B 84 -6.44 -1.05 -5.25
N GLN B 85 -5.86 -0.31 -6.19
CA GLN B 85 -5.83 -0.75 -7.58
C GLN B 85 -4.95 -1.98 -7.80
N ASP B 86 -4.13 -2.36 -6.82
CA ASP B 86 -3.27 -3.52 -6.96
C ASP B 86 -4.03 -4.83 -6.97
N GLY B 87 -5.35 -4.81 -6.80
CA GLY B 87 -6.13 -6.03 -6.77
C GLY B 87 -6.06 -6.79 -5.47
N LYS B 88 -5.65 -6.14 -4.39
CA LYS B 88 -5.54 -6.78 -3.09
C LYS B 88 -6.43 -6.07 -2.09
N LEU B 89 -7.22 -6.84 -1.36
CA LEU B 89 -8.08 -6.35 -0.28
C LEU B 89 -7.56 -6.98 1.01
N ILE B 90 -6.67 -6.28 1.69
CA ILE B 90 -5.97 -6.82 2.84
C ILE B 90 -6.55 -6.24 4.12
N ILE B 91 -6.88 -7.11 5.07
CA ILE B 91 -7.38 -6.73 6.38
C ILE B 91 -6.20 -6.65 7.32
N TRP B 92 -6.13 -5.56 8.10
CA TRP B 92 -4.95 -5.28 8.90
C TRP B 92 -5.32 -5.15 10.37
N ASP B 93 -4.38 -5.50 11.23
CA ASP B 93 -4.54 -5.33 12.67
C ASP B 93 -4.03 -3.93 13.04
N SER B 94 -4.95 -3.03 13.37
CA SER B 94 -4.58 -1.64 13.60
C SER B 94 -3.71 -1.47 14.85
N TYR B 95 -3.82 -2.40 15.80
CA TYR B 95 -3.08 -2.25 17.05
C TYR B 95 -1.58 -2.46 16.85
N THR B 96 -1.21 -3.53 16.14
CA THR B 96 0.19 -3.93 16.02
C THR B 96 0.67 -3.91 14.58
N THR B 97 -0.08 -3.31 13.66
CA THR B 97 0.30 -3.07 12.27
C THR B 97 0.38 -4.37 11.47
N ASN B 98 0.19 -5.52 12.12
CA ASN B 98 0.33 -6.80 11.46
C ASN B 98 -0.73 -6.99 10.38
N LYS B 99 -0.41 -7.84 9.41
CA LYS B 99 -1.31 -8.19 8.33
C LYS B 99 -1.88 -9.58 8.59
N VAL B 100 -3.20 -9.71 8.50
CA VAL B 100 -3.86 -10.97 8.82
C VAL B 100 -4.45 -11.66 7.61
N HIS B 101 -4.77 -10.94 6.54
CA HIS B 101 -5.29 -11.55 5.32
C HIS B 101 -4.81 -10.76 4.11
N ALA B 102 -4.71 -11.45 2.98
CA ALA B 102 -4.36 -10.83 1.70
C ALA B 102 -5.26 -11.46 0.65
N ILE B 103 -6.34 -10.76 0.30
CA ILE B 103 -7.38 -11.30 -0.56
C ILE B 103 -7.15 -10.76 -1.97
N PRO B 104 -6.80 -11.60 -2.94
CA PRO B 104 -6.72 -11.13 -4.34
C PRO B 104 -8.10 -10.99 -4.94
N LEU B 105 -8.25 -10.01 -5.82
CA LEU B 105 -9.52 -9.71 -6.45
C LEU B 105 -9.48 -10.01 -7.94
N ARG B 106 -10.64 -10.44 -8.47
CA ARG B 106 -10.74 -10.76 -9.89
C ARG B 106 -10.49 -9.52 -10.75
N SER B 107 -11.08 -8.39 -10.37
CA SER B 107 -10.92 -7.14 -11.09
C SER B 107 -10.11 -6.18 -10.23
N SER B 108 -8.99 -5.71 -10.78
CA SER B 108 -8.12 -4.81 -10.02
C SER B 108 -8.71 -3.41 -9.89
N TRP B 109 -9.72 -3.07 -10.68
CA TRP B 109 -10.32 -1.75 -10.64
C TRP B 109 -11.43 -1.77 -9.60
N VAL B 110 -11.13 -1.28 -8.40
CA VAL B 110 -12.07 -1.26 -7.29
C VAL B 110 -12.21 0.17 -6.78
N MET B 111 -13.37 0.48 -6.19
CA MET B 111 -13.65 1.81 -5.71
C MET B 111 -14.26 1.84 -4.31
N THR B 112 -14.61 0.69 -3.74
CA THR B 112 -15.24 0.68 -2.42
C THR B 112 -14.98 -0.66 -1.74
N CYS B 113 -15.14 -0.66 -0.42
CA CYS B 113 -15.05 -1.88 0.37
C CYS B 113 -15.98 -1.75 1.56
N ALA B 114 -16.33 -2.89 2.15
CA ALA B 114 -17.23 -2.91 3.28
C ALA B 114 -16.82 -4.03 4.22
N TYR B 115 -17.19 -3.86 5.49
CA TYR B 115 -16.93 -4.86 6.52
C TYR B 115 -18.24 -5.23 7.19
N ALA B 116 -18.52 -6.53 7.24
CA ALA B 116 -19.79 -6.99 7.80
C ALA B 116 -19.85 -6.69 9.31
N PRO B 117 -21.05 -6.42 9.83
CA PRO B 117 -21.17 -6.18 11.28
C PRO B 117 -20.74 -7.37 12.12
N SER B 118 -20.89 -8.59 11.61
CA SER B 118 -20.45 -9.78 12.32
C SER B 118 -18.99 -10.11 12.08
N GLY B 119 -18.34 -9.44 11.13
CA GLY B 119 -16.94 -9.68 10.85
C GLY B 119 -16.65 -10.90 10.00
N ASN B 120 -17.68 -11.59 9.51
CA ASN B 120 -17.48 -12.79 8.71
C ASN B 120 -17.40 -12.51 7.21
N TYR B 121 -17.77 -11.31 6.76
CA TYR B 121 -17.88 -11.03 5.35
C TYR B 121 -17.21 -9.71 5.00
N VAL B 122 -16.61 -9.67 3.81
CA VAL B 122 -15.97 -8.48 3.28
C VAL B 122 -16.41 -8.30 1.84
N ALA B 123 -16.89 -7.09 1.50
CA ALA B 123 -17.38 -6.78 0.18
C ALA B 123 -16.49 -5.76 -0.51
N CYS B 124 -16.39 -5.87 -1.83
CA CYS B 124 -15.56 -4.96 -2.61
C CYS B 124 -16.02 -4.98 -4.05
N GLY B 125 -16.15 -3.79 -4.65
CA GLY B 125 -16.61 -3.66 -6.02
C GLY B 125 -15.98 -2.46 -6.70
N GLY B 126 -16.30 -2.31 -7.98
CA GLY B 126 -15.75 -1.22 -8.77
C GLY B 126 -16.28 -1.15 -10.18
N LEU B 127 -15.39 -0.96 -11.16
CA LEU B 127 -15.81 -0.83 -12.55
C LEU B 127 -16.34 -2.14 -13.12
N ASP B 128 -16.12 -3.27 -12.44
CA ASP B 128 -16.53 -4.56 -12.97
C ASP B 128 -18.04 -4.75 -12.97
N ASN B 129 -18.80 -3.85 -12.34
CA ASN B 129 -20.25 -3.89 -12.23
C ASN B 129 -20.74 -5.07 -11.40
N ILE B 130 -19.85 -5.76 -10.68
CA ILE B 130 -20.18 -6.93 -9.90
C ILE B 130 -19.78 -6.68 -8.45
N CYS B 131 -20.72 -6.82 -7.53
CA CYS B 131 -20.45 -6.68 -6.10
C CYS B 131 -20.09 -8.05 -5.55
N SER B 132 -18.82 -8.23 -5.19
CA SER B 132 -18.31 -9.51 -4.72
C SER B 132 -18.40 -9.60 -3.21
N ILE B 133 -18.83 -10.76 -2.72
CA ILE B 133 -18.97 -11.03 -1.30
C ILE B 133 -17.97 -12.11 -0.92
N TYR B 134 -17.14 -11.83 0.08
CA TYR B 134 -16.07 -12.73 0.49
C TYR B 134 -16.36 -13.28 1.88
N ASN B 135 -16.10 -14.58 2.05
CA ASN B 135 -16.31 -15.26 3.32
C ASN B 135 -14.97 -15.41 4.04
N LEU B 136 -14.86 -14.81 5.22
CA LEU B 136 -13.60 -14.81 5.96
C LEU B 136 -13.40 -16.10 6.75
N LYS B 137 -14.31 -16.37 7.69
CA LYS B 137 -14.16 -17.50 8.61
C LYS B 137 -14.66 -18.76 7.93
N THR B 138 -13.79 -19.34 7.10
CA THR B 138 -14.09 -20.58 6.40
C THR B 138 -13.36 -21.74 7.07
N ARG B 139 -14.04 -22.88 7.19
CA ARG B 139 -13.44 -24.06 7.81
C ARG B 139 -12.26 -24.58 7.00
N GLU B 140 -12.19 -24.27 5.71
CA GLU B 140 -11.12 -24.76 4.84
C GLU B 140 -9.89 -23.87 4.87
N GLY B 141 -9.87 -22.82 5.69
CA GLY B 141 -8.70 -21.97 5.79
C GLY B 141 -8.79 -20.66 5.03
N ASN B 142 -8.27 -20.65 3.81
CA ASN B 142 -8.14 -19.42 3.04
C ASN B 142 -9.51 -18.81 2.73
N VAL B 143 -9.48 -17.57 2.27
CA VAL B 143 -10.70 -16.81 1.95
C VAL B 143 -11.17 -17.20 0.55
N ARG B 144 -12.45 -17.50 0.43
CA ARG B 144 -13.06 -17.87 -0.84
C ARG B 144 -14.27 -16.98 -1.11
N VAL B 145 -14.55 -16.75 -2.39
CA VAL B 145 -15.69 -15.92 -2.76
C VAL B 145 -16.99 -16.61 -2.36
N SER B 146 -17.96 -15.84 -1.89
CA SER B 146 -19.25 -16.36 -1.48
C SER B 146 -20.33 -16.13 -2.52
N ARG B 147 -20.36 -14.96 -3.15
CA ARG B 147 -21.34 -14.67 -4.19
C ARG B 147 -20.80 -13.55 -5.06
N GLU B 148 -21.35 -13.46 -6.27
CA GLU B 148 -21.00 -12.43 -7.24
C GLU B 148 -22.29 -11.75 -7.68
N LEU B 149 -22.70 -10.71 -6.95
CA LEU B 149 -23.91 -9.99 -7.28
C LEU B 149 -23.68 -9.15 -8.53
N ALA B 150 -24.48 -9.37 -9.57
CA ALA B 150 -24.32 -8.67 -10.85
C ALA B 150 -25.70 -8.35 -11.40
N GLY B 151 -26.17 -7.13 -11.15
CA GLY B 151 -27.43 -6.68 -11.69
C GLY B 151 -27.44 -5.22 -12.06
N HIS B 152 -26.26 -4.60 -12.09
CA HIS B 152 -26.14 -3.17 -12.35
C HIS B 152 -25.52 -2.94 -13.72
N THR B 153 -26.03 -1.92 -14.42
CA THR B 153 -25.46 -1.48 -15.67
C THR B 153 -24.45 -0.35 -15.51
N GLY B 154 -24.22 0.10 -14.26
CA GLY B 154 -23.24 1.12 -14.00
C GLY B 154 -22.32 0.71 -12.87
N TYR B 155 -21.19 1.41 -12.78
CA TYR B 155 -20.17 1.05 -11.80
C TYR B 155 -20.70 1.20 -10.39
N LEU B 156 -20.44 0.18 -9.56
CA LEU B 156 -20.79 0.26 -8.15
C LEU B 156 -19.83 1.21 -7.44
N SER B 157 -20.39 2.13 -6.65
CA SER B 157 -19.59 3.15 -5.98
C SER B 157 -19.46 2.94 -4.49
N CYS B 158 -20.41 2.27 -3.84
CA CYS B 158 -20.33 2.04 -2.41
C CYS B 158 -21.11 0.78 -2.07
N CYS B 159 -20.73 0.16 -0.96
CA CYS B 159 -21.41 -1.03 -0.45
C CYS B 159 -21.44 -0.97 1.07
N ARG B 160 -22.58 -1.33 1.64
CA ARG B 160 -22.73 -1.37 3.09
C ARG B 160 -23.55 -2.61 3.46
N PHE B 161 -23.14 -3.28 4.54
CA PHE B 161 -23.79 -4.49 4.99
C PHE B 161 -24.86 -4.14 6.02
N LEU B 162 -26.12 -4.36 5.66
CA LEU B 162 -27.20 -4.24 6.64
C LEU B 162 -27.06 -5.31 7.72
N ASP B 163 -26.80 -6.54 7.32
CA ASP B 163 -26.52 -7.65 8.22
C ASP B 163 -25.78 -8.71 7.41
N ASP B 164 -25.71 -9.93 7.94
CA ASP B 164 -25.00 -11.00 7.24
C ASP B 164 -25.67 -11.40 5.93
N ASN B 165 -26.90 -10.97 5.68
CA ASN B 165 -27.64 -11.36 4.49
C ASN B 165 -27.89 -10.20 3.53
N GLN B 166 -28.52 -9.12 4.00
CA GLN B 166 -28.89 -8.01 3.13
C GLN B 166 -27.74 -7.02 2.98
N ILE B 167 -27.48 -6.62 1.75
CA ILE B 167 -26.46 -5.62 1.43
C ILE B 167 -27.05 -4.62 0.45
N VAL B 168 -26.82 -3.33 0.71
CA VAL B 168 -27.32 -2.25 -0.13
C VAL B 168 -26.14 -1.66 -0.91
N THR B 169 -26.32 -1.46 -2.20
CA THR B 169 -25.25 -0.99 -3.08
C THR B 169 -25.72 0.21 -3.88
N SER B 170 -24.84 1.19 -4.04
CA SER B 170 -25.09 2.37 -4.86
C SER B 170 -24.29 2.25 -6.14
N SER B 171 -24.97 2.30 -7.28
CA SER B 171 -24.35 2.09 -8.57
C SER B 171 -24.23 3.41 -9.33
N GLY B 172 -23.48 3.36 -10.43
CA GLY B 172 -23.26 4.51 -11.28
C GLY B 172 -24.21 4.65 -12.44
N ASP B 173 -25.29 3.87 -12.46
CA ASP B 173 -26.29 3.95 -13.52
C ASP B 173 -27.60 4.58 -13.04
N THR B 174 -27.51 5.45 -12.03
CA THR B 174 -28.63 6.28 -11.56
C THR B 174 -29.70 5.45 -10.85
N THR B 175 -29.28 4.51 -10.02
CA THR B 175 -30.20 3.82 -9.13
C THR B 175 -29.42 3.18 -8.00
N CYS B 176 -30.14 2.82 -6.94
CA CYS B 176 -29.60 2.06 -5.82
C CYS B 176 -30.48 0.84 -5.58
N ALA B 177 -29.86 -0.30 -5.29
CA ALA B 177 -30.59 -1.55 -5.12
C ALA B 177 -30.15 -2.25 -3.85
N LEU B 178 -31.09 -2.99 -3.25
CA LEU B 178 -30.84 -3.79 -2.07
C LEU B 178 -30.80 -5.26 -2.47
N TRP B 179 -29.76 -5.96 -2.04
CA TRP B 179 -29.52 -7.34 -2.45
C TRP B 179 -29.81 -8.30 -1.32
N ASP B 180 -29.89 -9.59 -1.66
CA ASP B 180 -29.96 -10.67 -0.68
C ASP B 180 -28.87 -11.68 -1.03
N ILE B 181 -27.87 -11.79 -0.15
CA ILE B 181 -26.76 -12.70 -0.40
C ILE B 181 -27.20 -14.16 -0.38
N GLU B 182 -28.37 -14.45 0.19
CA GLU B 182 -28.86 -15.82 0.25
C GLU B 182 -29.14 -16.36 -1.16
N THR B 183 -29.77 -15.54 -2.01
CA THR B 183 -30.14 -15.98 -3.35
C THR B 183 -29.48 -15.18 -4.46
N GLY B 184 -28.96 -13.98 -4.16
CA GLY B 184 -28.31 -13.16 -5.16
C GLY B 184 -29.22 -12.34 -6.03
N GLN B 185 -30.51 -12.23 -5.69
CA GLN B 185 -31.46 -11.49 -6.48
C GLN B 185 -31.73 -10.14 -5.85
N GLN B 186 -32.06 -9.15 -6.69
CA GLN B 186 -32.39 -7.81 -6.23
C GLN B 186 -33.79 -7.80 -5.65
N THR B 187 -33.90 -7.69 -4.32
CA THR B 187 -35.21 -7.65 -3.69
C THR B 187 -35.93 -6.35 -3.99
N THR B 188 -35.25 -5.23 -3.83
CA THR B 188 -35.85 -3.91 -4.03
C THR B 188 -34.85 -3.01 -4.73
N THR B 189 -35.34 -2.21 -5.66
CA THR B 189 -34.53 -1.23 -6.38
C THR B 189 -35.09 0.16 -6.14
N PHE B 190 -34.21 1.13 -5.98
CA PHE B 190 -34.58 2.52 -5.75
C PHE B 190 -34.16 3.36 -6.95
N THR B 191 -35.13 4.03 -7.58
CA THR B 191 -34.89 4.84 -8.76
C THR B 191 -35.45 6.24 -8.54
N GLY B 192 -34.93 7.19 -9.32
CA GLY B 192 -35.37 8.56 -9.22
C GLY B 192 -34.26 9.57 -9.43
N HIS B 193 -33.03 9.18 -9.14
CA HIS B 193 -31.89 10.06 -9.36
C HIS B 193 -31.62 10.24 -10.85
N THR B 194 -31.23 11.45 -11.23
CA THR B 194 -30.86 11.73 -12.61
C THR B 194 -29.35 11.62 -12.82
N GLY B 195 -28.56 12.06 -11.85
CA GLY B 195 -27.11 11.93 -11.92
C GLY B 195 -26.62 10.60 -11.37
N ASP B 196 -25.31 10.40 -11.49
CA ASP B 196 -24.70 9.16 -11.04
C ASP B 196 -24.57 9.16 -9.53
N VAL B 197 -25.11 8.13 -8.89
CA VAL B 197 -25.02 7.99 -7.44
C VAL B 197 -23.63 7.50 -7.08
N MET B 198 -22.96 8.23 -6.17
CA MET B 198 -21.55 7.97 -5.87
C MET B 198 -21.28 7.88 -4.37
N SER B 199 -22.32 7.79 -3.54
CA SER B 199 -22.10 7.66 -2.10
C SER B 199 -23.33 7.02 -1.47
N LEU B 200 -23.13 6.44 -0.28
CA LEU B 200 -24.18 5.73 0.41
C LEU B 200 -23.83 5.66 1.89
N SER B 201 -24.86 5.67 2.75
CA SER B 201 -24.64 5.58 4.19
C SER B 201 -25.91 5.04 4.83
N LEU B 202 -25.80 3.92 5.54
CA LEU B 202 -26.95 3.32 6.21
C LEU B 202 -27.12 3.90 7.60
N ALA B 203 -28.38 3.93 8.07
CA ALA B 203 -28.69 4.50 9.37
C ALA B 203 -28.22 3.57 10.49
N PRO B 204 -27.98 4.13 11.68
CA PRO B 204 -27.67 3.26 12.84
C PRO B 204 -28.76 2.26 13.14
N ASP B 205 -30.03 2.64 12.94
CA ASP B 205 -31.14 1.72 13.14
C ASP B 205 -31.36 0.79 11.96
N THR B 206 -30.65 1.01 10.84
CA THR B 206 -30.71 0.14 9.66
C THR B 206 -32.14 0.01 9.14
N ARG B 207 -32.87 1.13 9.10
CA ARG B 207 -34.21 1.16 8.53
C ARG B 207 -34.37 2.14 7.39
N LEU B 208 -33.37 2.98 7.12
CA LEU B 208 -33.43 3.96 6.04
C LEU B 208 -32.02 4.44 5.75
N PHE B 209 -31.85 5.06 4.58
CA PHE B 209 -30.54 5.53 4.17
C PHE B 209 -30.70 6.61 3.11
N VAL B 210 -29.59 7.23 2.75
CA VAL B 210 -29.56 8.23 1.69
C VAL B 210 -28.52 7.84 0.66
N SER B 211 -28.64 8.43 -0.53
CA SER B 211 -27.69 8.21 -1.61
C SER B 211 -27.31 9.55 -2.22
N GLY B 212 -26.01 9.76 -2.41
CA GLY B 212 -25.50 10.99 -3.01
C GLY B 212 -25.23 10.79 -4.49
N ALA B 213 -25.88 11.62 -5.30
CA ALA B 213 -25.82 11.51 -6.75
C ALA B 213 -24.93 12.62 -7.32
N CYS B 214 -24.74 12.57 -8.64
CA CYS B 214 -23.93 13.54 -9.35
C CYS B 214 -24.75 14.71 -9.90
N ASP B 215 -26.03 14.78 -9.56
CA ASP B 215 -26.89 15.88 -10.00
C ASP B 215 -27.11 16.91 -8.90
N ALA B 216 -26.18 17.00 -7.94
CA ALA B 216 -26.27 17.95 -6.84
C ALA B 216 -27.57 17.79 -6.04
N SER B 217 -27.97 16.54 -5.83
CA SER B 217 -29.19 16.27 -5.09
C SER B 217 -29.04 14.97 -4.31
N ALA B 218 -29.28 15.03 -3.00
CA ALA B 218 -29.25 13.86 -2.13
C ALA B 218 -30.67 13.51 -1.72
N LYS B 219 -31.02 12.23 -1.83
CA LYS B 219 -32.37 11.77 -1.57
C LYS B 219 -32.39 10.77 -0.43
N LEU B 220 -33.35 10.95 0.48
CA LEU B 220 -33.61 9.96 1.52
C LEU B 220 -34.29 8.74 0.90
N TRP B 221 -34.01 7.57 1.45
CA TRP B 221 -34.55 6.33 0.93
C TRP B 221 -35.11 5.48 2.07
N ASP B 222 -35.92 4.50 1.71
CA ASP B 222 -36.47 3.53 2.66
C ASP B 222 -36.17 2.13 2.14
N VAL B 223 -35.49 1.33 2.97
CA VAL B 223 -35.12 -0.02 2.55
C VAL B 223 -36.35 -0.92 2.49
N ARG B 224 -37.28 -0.77 3.44
CA ARG B 224 -38.44 -1.65 3.50
C ARG B 224 -39.49 -1.26 2.48
N GLU B 225 -40.01 -0.04 2.58
CA GLU B 225 -41.05 0.41 1.64
C GLU B 225 -40.52 0.49 0.22
N GLY B 226 -39.30 0.98 0.03
CA GLY B 226 -38.72 1.10 -1.29
C GLY B 226 -39.09 2.36 -2.05
N MET B 227 -39.75 3.32 -1.40
CA MET B 227 -40.14 4.56 -2.05
C MET B 227 -39.36 5.71 -1.46
N CYS B 228 -38.98 6.66 -2.31
CA CYS B 228 -38.24 7.82 -1.85
C CYS B 228 -39.10 8.66 -0.91
N ARG B 229 -38.48 9.20 0.13
CA ARG B 229 -39.17 10.01 1.13
C ARG B 229 -38.89 11.50 0.99
N GLN B 230 -37.63 11.89 0.84
CA GLN B 230 -37.25 13.29 0.78
C GLN B 230 -36.19 13.48 -0.29
N THR B 231 -36.09 14.71 -0.79
CA THR B 231 -35.01 15.12 -1.68
C THR B 231 -34.43 16.44 -1.20
N PHE B 232 -33.15 16.64 -1.45
CA PHE B 232 -32.43 17.81 -0.97
C PHE B 232 -31.65 18.42 -2.13
N THR B 233 -31.98 19.68 -2.45
CA THR B 233 -31.37 20.40 -3.57
C THR B 233 -30.75 21.68 -3.03
N GLY B 234 -29.46 21.63 -2.68
CA GLY B 234 -28.78 22.81 -2.19
C GLY B 234 -27.34 22.91 -2.61
N HIS B 235 -26.89 21.98 -3.46
CA HIS B 235 -25.52 21.95 -3.92
C HIS B 235 -25.41 22.57 -5.31
N GLU B 236 -24.18 22.72 -5.79
CA GLU B 236 -23.91 23.28 -7.10
C GLU B 236 -23.23 22.30 -8.05
N SER B 237 -22.57 21.26 -7.53
CA SER B 237 -21.87 20.30 -8.36
C SER B 237 -22.16 18.90 -7.82
N ASP B 238 -21.45 17.91 -8.34
CA ASP B 238 -21.70 16.52 -7.98
C ASP B 238 -21.33 16.27 -6.52
N ILE B 239 -22.19 15.54 -5.82
CA ILE B 239 -21.92 15.13 -4.45
C ILE B 239 -21.01 13.92 -4.45
N ASN B 240 -19.89 14.01 -3.72
CA ASN B 240 -18.89 12.96 -3.72
C ASN B 240 -18.91 12.07 -2.49
N ALA B 241 -19.31 12.58 -1.33
CA ALA B 241 -19.31 11.80 -0.10
C ALA B 241 -20.49 12.21 0.77
N ILE B 242 -20.87 11.31 1.68
CA ILE B 242 -22.00 11.55 2.56
C ILE B 242 -21.87 10.63 3.76
N CYS B 243 -22.43 11.04 4.89
CA CYS B 243 -22.36 10.27 6.13
C CYS B 243 -23.41 10.79 7.10
N PHE B 244 -24.07 9.86 7.78
CA PHE B 244 -25.06 10.25 8.79
C PHE B 244 -24.42 10.76 10.07
N PHE B 245 -25.12 11.68 10.71
CA PHE B 245 -24.83 12.03 12.09
C PHE B 245 -25.15 10.82 12.98
N PRO B 246 -24.38 10.58 14.04
CA PRO B 246 -24.65 9.39 14.87
C PRO B 246 -26.04 9.36 15.48
N ASN B 247 -26.66 10.52 15.69
CA ASN B 247 -28.01 10.54 16.22
C ASN B 247 -29.03 9.94 15.25
N GLY B 248 -28.70 9.88 13.96
CA GLY B 248 -29.57 9.29 12.97
C GLY B 248 -30.62 10.22 12.39
N ASN B 249 -30.69 11.47 12.87
CA ASN B 249 -31.68 12.42 12.38
C ASN B 249 -31.04 13.55 11.57
N ALA B 250 -29.78 13.41 11.18
CA ALA B 250 -29.10 14.44 10.40
C ALA B 250 -27.98 13.79 9.61
N PHE B 251 -27.51 14.49 8.59
CA PHE B 251 -26.42 14.00 7.76
C PHE B 251 -25.74 15.17 7.07
N ALA B 252 -24.51 14.94 6.65
CA ALA B 252 -23.71 15.96 5.98
C ALA B 252 -23.14 15.37 4.69
N THR B 253 -23.15 16.19 3.63
CA THR B 253 -22.68 15.75 2.32
C THR B 253 -21.65 16.76 1.80
N GLY B 254 -20.53 16.23 1.32
CA GLY B 254 -19.48 17.05 0.71
C GLY B 254 -19.45 16.82 -0.80
N SER B 255 -19.32 17.91 -1.54
CA SER B 255 -19.36 17.87 -3.00
C SER B 255 -18.04 18.37 -3.57
N ASP B 256 -18.01 18.48 -4.90
CA ASP B 256 -16.83 18.97 -5.61
C ASP B 256 -16.77 20.49 -5.65
N ASP B 257 -17.75 21.19 -5.08
CA ASP B 257 -17.78 22.65 -5.03
C ASP B 257 -16.96 23.20 -3.88
N ALA B 258 -16.01 22.42 -3.35
CA ALA B 258 -15.12 22.85 -2.27
C ALA B 258 -15.91 23.26 -1.02
N THR B 259 -16.97 22.51 -0.72
CA THR B 259 -17.77 22.78 0.46
C THR B 259 -18.53 21.53 0.85
N CYS B 260 -18.85 21.42 2.13
CA CYS B 260 -19.69 20.35 2.66
C CYS B 260 -20.78 20.96 3.53
N ARG B 261 -22.02 20.58 3.27
CA ARG B 261 -23.17 21.16 3.93
C ARG B 261 -23.85 20.14 4.83
N LEU B 262 -24.57 20.63 5.84
CA LEU B 262 -25.25 19.79 6.81
C LEU B 262 -26.75 19.97 6.66
N PHE B 263 -27.46 18.84 6.57
CA PHE B 263 -28.91 18.84 6.43
C PHE B 263 -29.55 18.25 7.68
N ASP B 264 -30.89 18.35 7.74
CA ASP B 264 -31.67 17.76 8.82
C ASP B 264 -32.86 17.02 8.21
N LEU B 265 -33.14 15.82 8.72
CA LEU B 265 -34.21 15.01 8.15
C LEU B 265 -35.58 15.63 8.42
N ARG B 266 -35.84 16.02 9.66
CA ARG B 266 -37.15 16.57 9.99
C ARG B 266 -37.32 18.01 9.52
N ALA B 267 -36.25 18.80 9.51
CA ALA B 267 -36.34 20.17 9.04
C ALA B 267 -36.41 20.26 7.51
N ASP B 268 -35.86 19.27 6.80
CA ASP B 268 -35.92 19.23 5.34
C ASP B 268 -35.30 20.48 4.72
N GLN B 269 -34.22 20.97 5.32
CA GLN B 269 -33.59 22.21 4.90
C GLN B 269 -32.08 22.09 5.12
N GLU B 270 -31.39 23.22 5.02
CA GLU B 270 -29.97 23.29 5.28
C GLU B 270 -29.72 23.88 6.67
N LEU B 271 -28.56 23.54 7.24
CA LEU B 271 -28.17 24.05 8.55
C LEU B 271 -26.91 24.91 8.49
N MET B 272 -25.84 24.41 7.88
CA MET B 272 -24.59 25.15 7.83
C MET B 272 -23.85 24.81 6.53
N THR B 273 -23.03 25.75 6.10
CA THR B 273 -22.17 25.57 4.93
C THR B 273 -20.72 25.75 5.39
N TYR B 274 -19.90 24.72 5.20
CA TYR B 274 -18.53 24.72 5.70
C TYR B 274 -17.61 25.17 4.57
N SER B 275 -17.58 26.49 4.35
CA SER B 275 -16.83 27.08 3.26
C SER B 275 -15.77 28.03 3.81
N HIS B 276 -14.55 27.89 3.31
CA HIS B 276 -13.46 28.78 3.64
C HIS B 276 -12.82 29.28 2.35
N ASP B 277 -12.47 30.57 2.33
CA ASP B 277 -11.92 31.17 1.11
C ASP B 277 -10.57 30.58 0.74
N ASN B 278 -9.82 30.04 1.69
CA ASN B 278 -8.52 29.48 1.39
C ASN B 278 -8.64 28.16 0.64
N ILE B 279 -9.75 27.44 0.82
CA ILE B 279 -9.92 26.11 0.24
C ILE B 279 -10.57 26.22 -1.13
N ILE B 280 -9.99 25.55 -2.11
CA ILE B 280 -10.57 25.46 -3.45
C ILE B 280 -10.80 24.03 -3.91
N CYS B 281 -10.04 23.05 -3.42
CA CYS B 281 -10.21 21.68 -3.86
C CYS B 281 -11.51 21.09 -3.32
N GLY B 282 -11.97 20.02 -3.97
CA GLY B 282 -13.23 19.41 -3.62
C GLY B 282 -13.14 18.48 -2.42
N ILE B 283 -14.25 17.78 -2.17
CA ILE B 283 -14.37 16.86 -1.05
C ILE B 283 -14.31 15.43 -1.56
N THR B 284 -13.52 14.60 -0.87
CA THR B 284 -13.42 13.19 -1.21
C THR B 284 -13.96 12.25 -0.14
N SER B 285 -14.11 12.71 1.10
CA SER B 285 -14.60 11.87 2.18
C SER B 285 -15.05 12.75 3.34
N VAL B 286 -16.12 12.34 4.01
CA VAL B 286 -16.64 13.04 5.18
C VAL B 286 -17.03 12.00 6.23
N SER B 287 -16.70 12.28 7.49
CA SER B 287 -17.04 11.38 8.57
C SER B 287 -17.14 12.18 9.87
N PHE B 288 -17.96 11.67 10.79
CA PHE B 288 -18.22 12.30 12.08
C PHE B 288 -17.49 11.56 13.18
N SER B 289 -17.69 12.03 14.42
CA SER B 289 -17.18 11.39 15.62
C SER B 289 -18.34 10.83 16.43
N LYS B 290 -18.03 10.24 17.58
CA LYS B 290 -19.07 9.65 18.42
C LYS B 290 -20.04 10.72 18.90
N SER B 291 -19.52 11.79 19.49
CA SER B 291 -20.39 12.87 19.95
C SER B 291 -20.93 13.70 18.79
N GLY B 292 -20.36 13.56 17.60
CA GLY B 292 -20.81 14.32 16.46
C GLY B 292 -20.32 15.75 16.41
N ARG B 293 -19.50 16.18 17.37
CA ARG B 293 -19.01 17.55 17.37
C ARG B 293 -18.01 17.79 16.25
N LEU B 294 -17.15 16.82 15.96
CA LEU B 294 -16.13 16.96 14.94
C LEU B 294 -16.58 16.28 13.65
N LEU B 295 -16.33 16.94 12.53
CA LEU B 295 -16.65 16.43 11.20
C LEU B 295 -15.34 16.38 10.41
N LEU B 296 -14.66 15.25 10.46
CA LEU B 296 -13.41 15.08 9.72
C LEU B 296 -13.72 14.88 8.25
N ALA B 297 -13.32 15.83 7.42
CA ALA B 297 -13.63 15.83 6.00
C ALA B 297 -12.35 15.69 5.19
N GLY B 298 -12.35 14.77 4.23
CA GLY B 298 -11.22 14.64 3.33
C GLY B 298 -11.30 15.62 2.19
N TYR B 299 -10.13 16.11 1.77
CA TYR B 299 -10.04 17.12 0.71
C TYR B 299 -9.06 16.66 -0.35
N ASP B 300 -9.22 17.21 -1.54
CA ASP B 300 -8.27 16.99 -2.63
C ASP B 300 -7.08 17.92 -2.56
N ASP B 301 -7.01 18.79 -1.55
CA ASP B 301 -5.91 19.73 -1.37
C ASP B 301 -4.81 19.17 -0.48
N PHE B 302 -4.61 17.85 -0.50
CA PHE B 302 -3.53 17.14 0.17
C PHE B 302 -3.67 17.14 1.69
N ASN B 303 -4.85 17.44 2.22
CA ASN B 303 -5.04 17.53 3.66
C ASN B 303 -6.50 17.25 3.99
N CYS B 304 -6.76 17.04 5.29
CA CYS B 304 -8.10 16.76 5.79
C CYS B 304 -8.40 17.78 6.90
N ASN B 305 -9.15 18.83 6.57
CA ASN B 305 -9.49 19.82 7.57
C ASN B 305 -10.46 19.24 8.60
N VAL B 306 -10.29 19.64 9.85
CA VAL B 306 -11.18 19.26 10.94
C VAL B 306 -12.25 20.32 11.06
N TRP B 307 -13.50 19.91 10.91
CA TRP B 307 -14.64 20.82 10.86
C TRP B 307 -15.50 20.65 12.10
N ASP B 308 -15.72 21.75 12.82
CA ASP B 308 -16.66 21.72 13.93
C ASP B 308 -18.08 21.72 13.40
N ALA B 309 -18.90 20.82 13.92
CA ALA B 309 -20.25 20.63 13.40
C ALA B 309 -21.25 21.67 13.91
N LEU B 310 -20.85 22.56 14.81
CA LEU B 310 -21.75 23.55 15.37
C LEU B 310 -21.30 24.99 15.19
N LYS B 311 -20.01 25.23 14.94
CA LYS B 311 -19.50 26.58 14.79
C LYS B 311 -18.89 26.88 13.43
N ALA B 312 -18.70 25.86 12.58
CA ALA B 312 -18.21 26.04 11.22
C ALA B 312 -16.86 26.76 11.19
N ASP B 313 -15.90 26.23 11.95
CA ASP B 313 -14.54 26.74 11.96
C ASP B 313 -13.56 25.58 11.88
N ARG B 314 -12.34 25.90 11.46
CA ARG B 314 -11.29 24.90 11.28
C ARG B 314 -10.58 24.72 12.62
N ALA B 315 -10.92 23.65 13.33
CA ALA B 315 -10.25 23.34 14.59
C ALA B 315 -8.79 23.01 14.35
N GLY B 316 -8.48 22.30 13.27
CA GLY B 316 -7.12 21.95 12.93
C GLY B 316 -7.07 21.29 11.57
N VAL B 317 -5.84 21.08 11.11
CA VAL B 317 -5.59 20.43 9.83
C VAL B 317 -4.94 19.07 10.07
N LEU B 318 -5.48 18.04 9.44
CA LEU B 318 -4.95 16.69 9.55
C LEU B 318 -3.99 16.39 8.40
N ALA B 319 -2.99 17.26 8.24
CA ALA B 319 -2.07 17.15 7.12
C ALA B 319 -0.93 16.18 7.43
N GLY B 320 -0.27 15.71 6.38
CA GLY B 320 0.81 14.76 6.52
C GLY B 320 0.85 13.75 5.41
N HIS B 321 -0.17 13.74 4.57
CA HIS B 321 -0.23 12.82 3.44
C HIS B 321 0.45 13.42 2.21
N ASP B 322 1.06 12.55 1.41
CA ASP B 322 1.80 12.96 0.22
C ASP B 322 0.93 13.02 -1.03
N ASN B 323 -0.34 12.62 -0.95
CA ASN B 323 -1.25 12.68 -2.09
C ASN B 323 -2.66 12.91 -1.58
N ARG B 324 -3.60 13.03 -2.52
CA ARG B 324 -4.99 13.28 -2.16
C ARG B 324 -5.57 12.10 -1.39
N VAL B 325 -6.29 12.41 -0.31
CA VAL B 325 -6.95 11.38 0.49
C VAL B 325 -8.21 10.93 -0.21
N SER B 326 -8.52 9.63 -0.12
CA SER B 326 -9.69 9.08 -0.77
C SER B 326 -10.76 8.57 0.19
N CYS B 327 -10.42 8.32 1.45
CA CYS B 327 -11.39 7.81 2.41
C CYS B 327 -10.95 8.19 3.82
N LEU B 328 -11.92 8.55 4.65
CA LEU B 328 -11.68 8.83 6.05
C LEU B 328 -12.73 8.10 6.88
N GLY B 329 -12.28 7.37 7.90
CA GLY B 329 -13.19 6.62 8.74
C GLY B 329 -12.82 6.76 10.20
N VAL B 330 -13.83 6.66 11.06
CA VAL B 330 -13.68 6.81 12.49
C VAL B 330 -14.16 5.53 13.16
N THR B 331 -13.36 5.03 14.12
CA THR B 331 -13.69 3.79 14.79
C THR B 331 -15.00 3.91 15.57
N ASP B 332 -15.61 2.75 15.85
CA ASP B 332 -16.87 2.74 16.57
C ASP B 332 -16.73 3.24 18.00
N ASP B 333 -15.55 3.10 18.61
CA ASP B 333 -15.29 3.63 19.94
C ASP B 333 -14.74 5.04 19.93
N GLY B 334 -14.50 5.62 18.75
CA GLY B 334 -14.07 7.00 18.65
C GLY B 334 -12.64 7.26 19.06
N MET B 335 -11.83 6.23 19.24
CA MET B 335 -10.46 6.39 19.72
C MET B 335 -9.44 6.60 18.62
N ALA B 336 -9.85 6.52 17.35
CA ALA B 336 -8.90 6.70 16.25
C ALA B 336 -9.66 7.09 14.99
N VAL B 337 -8.91 7.65 14.04
CA VAL B 337 -9.42 7.98 12.72
C VAL B 337 -8.40 7.56 11.68
N ALA B 338 -8.86 6.93 10.61
CA ALA B 338 -7.99 6.42 9.55
C ALA B 338 -8.22 7.19 8.27
N THR B 339 -7.14 7.45 7.54
CA THR B 339 -7.19 8.16 6.27
C THR B 339 -6.49 7.34 5.21
N GLY B 340 -7.16 7.13 4.08
CA GLY B 340 -6.55 6.45 2.96
C GLY B 340 -6.27 7.40 1.80
N SER B 341 -5.02 7.47 1.37
CA SER B 341 -4.60 8.39 0.32
C SER B 341 -4.19 7.63 -0.93
N TRP B 342 -3.71 8.37 -1.91
CA TRP B 342 -3.29 7.81 -3.19
C TRP B 342 -1.83 7.40 -3.21
N ASP B 343 -1.11 7.56 -2.09
CA ASP B 343 0.30 7.21 -2.00
C ASP B 343 0.53 5.87 -1.32
N SER B 344 -0.50 5.02 -1.28
CA SER B 344 -0.40 3.66 -0.72
C SER B 344 -0.04 3.66 0.75
N PHE B 345 -0.40 4.72 1.47
CA PHE B 345 -0.16 4.82 2.91
C PHE B 345 -1.49 4.95 3.64
N LEU B 346 -1.66 4.16 4.69
CA LEU B 346 -2.85 4.17 5.53
C LEU B 346 -2.43 4.64 6.91
N LYS B 347 -2.43 5.95 7.12
CA LYS B 347 -2.02 6.52 8.39
C LYS B 347 -3.20 6.54 9.36
N ILE B 348 -3.03 5.95 10.53
CA ILE B 348 -4.06 5.88 11.55
C ILE B 348 -3.71 6.90 12.61
N TRP B 349 -4.56 7.91 12.79
CA TRP B 349 -4.27 8.99 13.70
C TRP B 349 -5.06 8.83 15.00
N ASN B 350 -4.79 9.72 15.95
CA ASN B 350 -5.46 9.68 17.25
C ASN B 350 -5.32 11.07 17.86
N SER C 18 5.51 -11.58 23.64
CA SER C 18 5.30 -12.38 22.44
C SER C 18 5.23 -13.86 22.77
N ALA C 19 4.06 -14.33 23.16
CA ALA C 19 3.86 -15.74 23.50
C ALA C 19 3.37 -16.54 22.30
N GLU C 20 2.22 -16.17 21.76
CA GLU C 20 1.66 -16.79 20.56
C GLU C 20 1.69 -15.88 19.35
N GLU C 21 1.85 -14.58 19.56
CA GLU C 21 1.85 -13.61 18.46
C GLU C 21 3.09 -13.71 17.58
N ARG C 22 4.10 -14.49 17.97
CA ARG C 22 5.26 -14.67 17.11
C ARG C 22 4.87 -15.36 15.81
N ALA C 23 3.99 -16.36 15.88
CA ALA C 23 3.51 -16.99 14.65
C ALA C 23 2.69 -16.01 13.81
N ALA C 24 1.94 -15.11 14.47
CA ALA C 24 1.22 -14.07 13.73
C ALA C 24 2.21 -13.15 13.01
N LEU C 25 3.31 -12.78 13.68
CA LEU C 25 4.34 -11.98 13.04
C LEU C 25 4.94 -12.71 11.85
N GLU C 26 5.20 -14.01 12.00
CA GLU C 26 5.74 -14.79 10.89
C GLU C 26 4.77 -14.82 9.70
N ARG C 27 3.48 -15.02 9.98
CA ARG C 27 2.48 -15.00 8.92
C ARG C 27 2.42 -13.63 8.23
N SER C 28 2.49 -12.55 9.03
CA SER C 28 2.47 -11.21 8.46
C SER C 28 3.67 -10.99 7.55
N LYS C 29 4.85 -11.42 7.99
CA LYS C 29 6.05 -11.27 7.16
C LYS C 29 5.93 -12.10 5.88
N ALA C 30 5.39 -13.31 5.98
CA ALA C 30 5.23 -14.16 4.80
C ALA C 30 4.31 -13.51 3.78
N ILE C 31 3.17 -12.98 4.24
CA ILE C 31 2.24 -12.39 3.28
C ILE C 31 2.76 -11.05 2.77
N GLU C 32 3.57 -10.34 3.57
CA GLU C 32 4.23 -9.14 3.06
C GLU C 32 5.22 -9.49 1.96
N LYS C 33 5.96 -10.58 2.12
CA LYS C 33 6.85 -11.05 1.07
C LYS C 33 6.07 -11.43 -0.18
N ASN C 34 4.92 -12.09 0.00
CA ASN C 34 4.06 -12.41 -1.14
C ASN C 34 3.58 -11.15 -1.85
N LEU C 35 3.21 -10.13 -1.08
CA LEU C 35 2.80 -8.86 -1.69
C LEU C 35 3.94 -8.23 -2.47
N LYS C 36 5.16 -8.25 -1.91
CA LYS C 36 6.31 -7.70 -2.61
C LYS C 36 6.55 -8.44 -3.93
N GLU C 37 6.49 -9.77 -3.88
CA GLU C 37 6.70 -10.55 -5.10
C GLU C 37 5.63 -10.27 -6.13
N ASP C 38 4.37 -10.16 -5.70
CA ASP C 38 3.29 -9.86 -6.63
C ASP C 38 3.47 -8.48 -7.25
N GLY C 39 3.88 -7.49 -6.45
CA GLY C 39 4.12 -6.16 -6.99
C GLY C 39 5.25 -6.14 -8.00
N ILE C 40 6.34 -6.85 -7.71
CA ILE C 40 7.45 -6.92 -8.66
C ILE C 40 7.01 -7.60 -9.95
N SER C 41 6.23 -8.67 -9.83
CA SER C 41 5.76 -9.37 -11.02
C SER C 41 4.83 -8.52 -11.85
N ALA C 42 3.94 -7.76 -11.20
CA ALA C 42 2.95 -6.96 -11.92
C ALA C 42 3.48 -5.61 -12.39
N ALA C 43 4.66 -5.19 -11.92
CA ALA C 43 5.23 -3.93 -12.36
C ALA C 43 5.78 -3.99 -13.78
N LYS C 44 5.86 -5.18 -14.38
CA LYS C 44 6.45 -5.34 -15.71
C LYS C 44 5.45 -5.09 -16.83
N ASP C 45 4.16 -4.97 -16.52
CA ASP C 45 3.14 -4.83 -17.55
C ASP C 45 3.08 -3.41 -18.08
N VAL C 46 2.61 -3.27 -19.32
CA VAL C 46 2.42 -1.99 -19.97
C VAL C 46 0.92 -1.74 -20.10
N LYS C 47 0.46 -0.61 -19.60
CA LYS C 47 -0.96 -0.26 -19.58
C LYS C 47 -1.24 0.72 -20.71
N LEU C 48 -2.12 0.33 -21.63
CA LEU C 48 -2.52 1.17 -22.75
C LEU C 48 -4.02 1.33 -22.74
N LEU C 49 -4.50 2.56 -22.55
CA LEU C 49 -5.93 2.84 -22.58
C LEU C 49 -6.40 3.02 -24.02
N LEU C 50 -7.51 2.37 -24.35
CA LEU C 50 -8.07 2.40 -25.70
C LEU C 50 -9.38 3.18 -25.65
N LEU C 51 -9.35 4.41 -26.16
CA LEU C 51 -10.50 5.29 -26.16
C LEU C 51 -10.91 5.63 -27.59
N GLY C 52 -12.01 6.37 -27.72
CA GLY C 52 -12.50 6.77 -29.02
C GLY C 52 -14.01 6.83 -29.07
N ALA C 53 -14.57 7.10 -30.25
CA ALA C 53 -16.01 7.15 -30.43
C ALA C 53 -16.58 5.75 -30.61
N ASP C 54 -17.91 5.69 -30.66
CA ASP C 54 -18.59 4.41 -30.86
C ASP C 54 -18.29 3.88 -32.26
N ASN C 55 -18.37 2.55 -32.38
CA ASN C 55 -18.19 1.76 -33.61
C ASN C 55 -17.16 2.38 -34.55
N SER C 56 -16.02 2.79 -34.01
CA SER C 56 -14.96 3.44 -34.77
C SER C 56 -13.74 2.53 -34.87
N GLY C 57 -13.97 1.24 -35.04
CA GLY C 57 -12.88 0.29 -35.22
C GLY C 57 -12.26 -0.23 -33.94
N LYS C 58 -12.86 0.03 -32.78
CA LYS C 58 -12.32 -0.52 -31.53
C LYS C 58 -12.35 -2.05 -31.53
N SER C 59 -13.47 -2.63 -31.97
CA SER C 59 -13.60 -4.08 -31.95
C SER C 59 -12.62 -4.74 -32.91
N THR C 60 -12.50 -4.20 -34.13
CA THR C 60 -11.61 -4.83 -35.10
C THR C 60 -10.16 -4.69 -34.69
N ILE C 61 -9.77 -3.57 -34.06
CA ILE C 61 -8.39 -3.41 -33.65
C ILE C 61 -8.09 -4.28 -32.44
N VAL C 62 -9.03 -4.41 -31.51
CA VAL C 62 -8.78 -5.24 -30.34
C VAL C 62 -8.77 -6.71 -30.73
N LYS C 63 -9.49 -7.09 -31.79
CA LYS C 63 -9.42 -8.45 -32.29
C LYS C 63 -8.22 -8.66 -33.20
N GLN C 64 -7.61 -7.58 -33.69
CA GLN C 64 -6.44 -7.71 -34.57
C GLN C 64 -5.26 -8.31 -33.83
N MET C 65 -5.03 -7.88 -32.59
CA MET C 65 -3.89 -8.35 -31.80
C MET C 65 -4.27 -9.52 -30.89
N LYS C 66 -5.23 -10.33 -31.32
CA LYS C 66 -5.62 -11.57 -30.64
C LYS C 66 -6.25 -11.31 -29.28
N ILE C 67 -6.92 -12.34 -28.73
CA ILE C 67 -7.57 -12.27 -27.43
C ILE C 67 -8.55 -11.11 -27.37
N THR C 79 -19.03 -6.54 -18.17
CA THR C 79 -19.74 -5.81 -19.22
C THR C 79 -19.31 -4.35 -19.27
N GLY C 80 -18.67 -3.88 -18.18
CA GLY C 80 -18.21 -2.51 -18.11
C GLY C 80 -16.87 -2.29 -18.75
N ILE C 81 -15.86 -3.02 -18.29
CA ILE C 81 -14.50 -2.93 -18.81
C ILE C 81 -14.12 -4.26 -19.43
N VAL C 82 -13.54 -4.20 -20.62
CA VAL C 82 -13.10 -5.40 -21.34
C VAL C 82 -11.59 -5.35 -21.47
N GLU C 83 -10.88 -5.96 -20.52
CA GLU C 83 -9.42 -5.93 -20.50
C GLU C 83 -8.87 -7.05 -21.38
N THR C 84 -8.02 -6.67 -22.32
CA THR C 84 -7.38 -7.61 -23.24
C THR C 84 -5.87 -7.47 -23.08
N HIS C 85 -5.19 -8.56 -22.74
CA HIS C 85 -3.75 -8.56 -22.53
C HIS C 85 -3.10 -9.60 -23.43
N PHE C 86 -1.92 -9.26 -23.93
CA PHE C 86 -1.15 -10.14 -24.80
C PHE C 86 0.31 -9.73 -24.73
N THR C 87 1.19 -10.63 -25.20
CA THR C 87 2.62 -10.42 -25.14
C THR C 87 3.17 -10.27 -26.56
N PHE C 88 4.05 -9.28 -26.75
CA PHE C 88 4.64 -9.02 -28.06
C PHE C 88 6.07 -8.56 -27.87
N LYS C 89 7.02 -9.33 -28.43
CA LYS C 89 8.44 -9.00 -28.39
C LYS C 89 8.93 -8.79 -26.95
N ASN C 90 8.67 -9.80 -26.12
CA ASN C 90 9.08 -9.79 -24.72
C ASN C 90 8.51 -8.59 -23.97
N LEU C 91 7.33 -8.15 -24.37
CA LEU C 91 6.66 -7.02 -23.73
C LEU C 91 5.21 -7.39 -23.48
N HIS C 92 4.72 -7.09 -22.29
CA HIS C 92 3.36 -7.44 -21.88
C HIS C 92 2.48 -6.22 -22.01
N PHE C 93 1.52 -6.27 -22.94
CA PHE C 93 0.60 -5.18 -23.20
C PHE C 93 -0.75 -5.46 -22.55
N ARG C 94 -1.39 -4.40 -22.07
CA ARG C 94 -2.70 -4.50 -21.45
C ARG C 94 -3.59 -3.40 -21.98
N LEU C 95 -4.69 -3.77 -22.63
CA LEU C 95 -5.64 -2.82 -23.19
C LEU C 95 -6.93 -2.85 -22.38
N PHE C 96 -7.45 -1.66 -22.06
CA PHE C 96 -8.70 -1.53 -21.31
C PHE C 96 -9.69 -0.74 -22.14
N ASP C 97 -10.57 -1.44 -22.85
CA ASP C 97 -11.62 -0.81 -23.65
C ASP C 97 -12.73 -0.46 -22.68
N VAL C 98 -12.78 0.79 -22.25
CA VAL C 98 -13.75 1.25 -21.26
C VAL C 98 -14.88 2.04 -21.91
N GLY C 99 -14.97 2.02 -23.24
CA GLY C 99 -16.01 2.78 -23.93
C GLY C 99 -17.42 2.28 -23.65
N GLY C 100 -17.57 1.09 -23.06
CA GLY C 100 -18.87 0.54 -22.75
C GLY C 100 -19.50 1.06 -21.48
N GLN C 101 -18.84 1.97 -20.77
CA GLN C 101 -19.36 2.53 -19.53
C GLN C 101 -20.26 3.71 -19.86
N ARG C 102 -21.58 3.50 -19.75
CA ARG C 102 -22.56 4.56 -20.02
C ARG C 102 -22.75 5.40 -18.76
N SER C 103 -21.75 6.24 -18.49
CA SER C 103 -21.76 7.11 -17.33
C SER C 103 -20.84 8.30 -17.60
N GLU C 104 -20.71 9.16 -16.61
CA GLU C 104 -19.86 10.34 -16.75
C GLU C 104 -18.39 9.92 -16.74
N ARG C 105 -17.62 10.43 -17.71
CA ARG C 105 -16.22 10.08 -17.80
C ARG C 105 -15.42 10.65 -16.64
N LYS C 106 -15.74 11.87 -16.21
CA LYS C 106 -14.91 12.55 -15.22
C LYS C 106 -14.92 11.87 -13.86
N LYS C 107 -15.89 10.99 -13.61
CA LYS C 107 -15.99 10.34 -12.30
C LYS C 107 -15.20 9.05 -12.20
N TRP C 108 -14.71 8.50 -13.31
CA TRP C 108 -13.90 7.30 -13.25
C TRP C 108 -12.67 7.33 -14.15
N ILE C 109 -12.45 8.39 -14.92
CA ILE C 109 -11.25 8.45 -15.74
C ILE C 109 -10.02 8.75 -14.90
N HIS C 110 -10.21 9.24 -13.67
CA HIS C 110 -9.08 9.56 -12.80
C HIS C 110 -8.32 8.32 -12.35
N CYS C 111 -8.95 7.14 -12.40
CA CYS C 111 -8.30 5.91 -11.99
C CYS C 111 -7.48 5.28 -13.10
N PHE C 112 -7.48 5.86 -14.30
CA PHE C 112 -6.72 5.35 -15.42
C PHE C 112 -5.41 6.09 -15.62
N GLU C 113 -4.85 6.64 -14.54
CA GLU C 113 -3.57 7.32 -14.61
C GLU C 113 -2.44 6.29 -14.68
N ASP C 114 -1.22 6.78 -14.85
CA ASP C 114 0.01 5.98 -14.86
C ASP C 114 0.06 5.00 -16.04
N VAL C 115 -0.78 5.19 -17.05
CA VAL C 115 -0.73 4.35 -18.24
C VAL C 115 0.38 4.86 -19.15
N THR C 116 0.97 3.94 -19.91
CA THR C 116 2.07 4.31 -20.80
C THR C 116 1.59 5.26 -21.90
N ALA C 117 0.45 4.95 -22.51
CA ALA C 117 -0.08 5.78 -23.60
C ALA C 117 -1.57 5.53 -23.71
N ILE C 118 -2.24 6.43 -24.43
CA ILE C 118 -3.67 6.33 -24.69
C ILE C 118 -3.87 6.12 -26.18
N ILE C 119 -4.55 5.04 -26.55
CA ILE C 119 -4.79 4.70 -27.95
C ILE C 119 -6.14 5.26 -28.36
N PHE C 120 -6.15 6.10 -29.38
CA PHE C 120 -7.35 6.76 -29.88
C PHE C 120 -7.64 6.28 -31.29
N CYS C 121 -8.87 5.83 -31.53
CA CYS C 121 -9.30 5.33 -32.83
C CYS C 121 -10.38 6.25 -33.39
N VAL C 122 -10.24 6.61 -34.66
CA VAL C 122 -11.16 7.52 -35.33
C VAL C 122 -11.66 6.86 -36.61
N ASP C 123 -12.97 6.87 -36.81
CA ASP C 123 -13.58 6.36 -38.03
C ASP C 123 -13.77 7.53 -39.00
N LEU C 124 -12.91 7.60 -40.02
CA LEU C 124 -12.98 8.69 -40.98
C LEU C 124 -14.15 8.58 -41.93
N SER C 125 -14.68 7.37 -42.13
CA SER C 125 -15.76 7.19 -43.10
C SER C 125 -17.04 7.88 -42.66
N ASP C 126 -17.40 7.75 -41.38
CA ASP C 126 -18.68 8.23 -40.88
C ASP C 126 -18.52 9.62 -40.30
N TYR C 127 -19.33 10.56 -40.79
CA TYR C 127 -19.38 11.91 -40.23
C TYR C 127 -20.75 12.53 -40.43
N MET C 140 -18.67 13.96 -37.19
CA MET C 140 -17.22 14.02 -37.11
C MET C 140 -16.80 14.93 -35.96
N HIS C 141 -17.66 15.91 -35.66
CA HIS C 141 -17.35 16.87 -34.62
C HIS C 141 -17.30 16.23 -33.24
N GLU C 142 -18.04 15.13 -33.05
CA GLU C 142 -18.00 14.45 -31.75
C GLU C 142 -16.62 13.87 -31.47
N SER C 143 -15.98 13.29 -32.49
CA SER C 143 -14.65 12.73 -32.30
C SER C 143 -13.64 13.84 -32.00
N LEU C 144 -13.73 14.97 -32.71
CA LEU C 144 -12.83 16.09 -32.46
C LEU C 144 -13.03 16.65 -31.05
N MET C 145 -14.28 16.78 -30.61
CA MET C 145 -14.55 17.26 -29.27
C MET C 145 -14.01 16.29 -28.22
N LEU C 146 -14.19 14.99 -28.45
CA LEU C 146 -13.67 14.01 -27.50
C LEU C 146 -12.14 14.06 -27.43
N PHE C 147 -11.49 14.20 -28.58
CA PHE C 147 -10.03 14.29 -28.59
C PHE C 147 -9.56 15.56 -27.88
N ASP C 148 -10.27 16.67 -28.09
CA ASP C 148 -9.91 17.92 -27.41
C ASP C 148 -10.08 17.76 -25.90
N SER C 149 -11.15 17.09 -25.47
CA SER C 149 -11.40 16.91 -24.04
C SER C 149 -10.43 15.93 -23.40
N ILE C 150 -9.93 14.95 -24.14
CA ILE C 150 -9.03 13.95 -23.58
C ILE C 150 -7.56 14.37 -23.63
N CYS C 151 -7.16 15.16 -24.63
CA CYS C 151 -5.77 15.58 -24.75
C CYS C 151 -5.41 16.70 -23.77
N ASN C 152 -6.37 17.51 -23.37
CA ASN C 152 -6.15 18.59 -22.43
C ASN C 152 -6.55 18.22 -21.01
N ASN C 153 -6.84 16.94 -20.75
CA ASN C 153 -7.22 16.52 -19.41
C ASN C 153 -6.08 16.72 -18.43
N LYS C 154 -6.44 17.05 -17.18
CA LYS C 154 -5.43 17.32 -16.16
C LYS C 154 -4.59 16.08 -15.88
N PHE C 155 -5.22 14.91 -15.78
CA PHE C 155 -4.48 13.70 -15.44
C PHE C 155 -3.57 13.26 -16.57
N PHE C 156 -4.01 13.45 -17.82
CA PHE C 156 -3.26 12.99 -18.99
C PHE C 156 -2.43 14.11 -19.61
N ILE C 157 -1.92 15.03 -18.81
CA ILE C 157 -1.14 16.15 -19.34
C ILE C 157 0.18 15.66 -19.92
N ASP C 158 0.77 14.62 -19.32
CA ASP C 158 2.05 14.11 -19.76
C ASP C 158 1.97 12.83 -20.57
N THR C 159 0.90 12.06 -20.43
CA THR C 159 0.76 10.81 -21.16
C THR C 159 0.52 11.09 -22.63
N SER C 160 1.28 10.42 -23.50
CA SER C 160 1.13 10.62 -24.93
C SER C 160 -0.13 9.92 -25.43
N ILE C 161 -0.62 10.38 -26.57
CA ILE C 161 -1.81 9.83 -27.22
C ILE C 161 -1.41 9.30 -28.58
N ILE C 162 -1.75 8.04 -28.85
CA ILE C 162 -1.48 7.41 -30.14
C ILE C 162 -2.76 7.47 -30.95
N LEU C 163 -2.72 8.17 -32.08
CA LEU C 163 -3.90 8.40 -32.90
C LEU C 163 -3.92 7.37 -34.03
N PHE C 164 -5.01 6.60 -34.10
CA PHE C 164 -5.21 5.60 -35.14
C PHE C 164 -6.31 6.07 -36.09
N LEU C 165 -6.03 5.98 -37.39
CA LEU C 165 -6.98 6.33 -38.43
C LEU C 165 -7.34 5.08 -39.20
N ASN C 166 -8.63 4.78 -39.29
CA ASN C 166 -9.12 3.54 -39.88
C ASN C 166 -9.97 3.83 -41.10
N LYS C 167 -10.30 2.76 -41.84
CA LYS C 167 -11.16 2.81 -43.02
C LYS C 167 -10.60 3.77 -44.06
N LYS C 168 -9.37 3.50 -44.47
CA LYS C 168 -8.71 4.33 -45.48
C LYS C 168 -9.37 4.16 -46.85
N ASP C 169 -9.62 2.92 -47.25
CA ASP C 169 -10.20 2.66 -48.56
C ASP C 169 -11.60 3.25 -48.68
N LEU C 170 -12.42 3.09 -47.63
CA LEU C 170 -13.76 3.66 -47.66
C LEU C 170 -13.72 5.17 -47.76
N PHE C 171 -12.80 5.80 -47.03
CA PHE C 171 -12.70 7.26 -47.07
C PHE C 171 -12.23 7.74 -48.44
N GLY C 172 -11.32 6.99 -49.07
CA GLY C 172 -10.91 7.33 -50.43
C GLY C 172 -12.04 7.20 -51.43
N GLU C 173 -12.82 6.12 -51.33
CA GLU C 173 -13.97 5.96 -52.21
C GLU C 173 -14.99 7.07 -51.98
N LYS C 174 -15.18 7.48 -50.73
CA LYS C 174 -16.12 8.55 -50.43
C LYS C 174 -15.63 9.88 -51.00
N ILE C 175 -14.32 10.11 -50.99
CA ILE C 175 -13.78 11.27 -51.70
C ILE C 175 -14.09 11.16 -53.18
N LYS C 176 -13.89 9.97 -53.76
CA LYS C 176 -14.19 9.77 -55.17
C LYS C 176 -15.67 10.01 -55.48
N LYS C 177 -16.54 9.85 -54.48
CA LYS C 177 -17.96 10.07 -54.65
C LYS C 177 -18.43 11.44 -54.16
N SER C 178 -17.89 11.93 -53.05
CA SER C 178 -18.35 13.16 -52.44
C SER C 178 -17.15 14.00 -52.00
N PRO C 179 -17.32 15.33 -51.93
CA PRO C 179 -16.23 16.16 -51.43
C PRO C 179 -16.03 16.01 -49.93
N LEU C 180 -14.84 16.38 -49.48
CA LEU C 180 -14.44 16.24 -48.09
C LEU C 180 -14.79 17.47 -47.25
N THR C 181 -15.52 18.44 -47.81
CA THR C 181 -15.86 19.66 -47.11
C THR C 181 -17.28 19.63 -46.54
N ILE C 182 -17.93 18.46 -46.54
CA ILE C 182 -19.30 18.37 -46.04
C ILE C 182 -19.36 18.75 -44.56
N CYS C 183 -18.45 18.20 -43.76
CA CYS C 183 -18.35 18.54 -42.36
C CYS C 183 -17.23 19.56 -42.07
N PHE C 184 -16.59 20.07 -43.12
CA PHE C 184 -15.53 21.08 -42.99
C PHE C 184 -15.81 22.22 -43.96
N PRO C 185 -16.82 23.05 -43.68
CA PRO C 185 -17.09 24.19 -44.56
C PRO C 185 -15.96 25.19 -44.63
N GLU C 186 -15.19 25.36 -43.56
CA GLU C 186 -14.08 26.30 -43.58
C GLU C 186 -12.92 25.80 -44.43
N TYR C 187 -12.90 24.52 -44.79
CA TYR C 187 -11.81 23.98 -45.58
C TYR C 187 -11.84 24.55 -47.00
N THR C 188 -10.65 24.85 -47.52
CA THR C 188 -10.51 25.38 -48.87
C THR C 188 -9.23 24.82 -49.46
N GLY C 189 -9.36 23.86 -50.37
CA GLY C 189 -8.22 23.25 -51.02
C GLY C 189 -8.63 22.16 -51.98
N PRO C 190 -7.65 21.57 -52.67
CA PRO C 190 -7.95 20.47 -53.59
C PRO C 190 -8.49 19.25 -52.86
N ASN C 191 -9.33 18.49 -53.55
CA ASN C 191 -10.00 17.33 -52.98
C ASN C 191 -9.18 16.05 -53.12
N THR C 192 -7.87 16.16 -53.21
CA THR C 192 -7.01 14.99 -53.30
C THR C 192 -7.06 14.20 -52.01
N TYR C 193 -6.97 12.86 -52.13
CA TYR C 193 -6.94 11.99 -50.96
C TYR C 193 -5.84 12.39 -49.98
N GLU C 194 -4.61 12.53 -50.49
CA GLU C 194 -3.48 12.82 -49.60
C GLU C 194 -3.64 14.17 -48.91
N ASP C 195 -4.04 15.19 -49.66
CA ASP C 195 -4.19 16.51 -49.07
C ASP C 195 -5.30 16.54 -48.02
N ALA C 196 -6.43 15.89 -48.31
CA ALA C 196 -7.52 15.84 -47.34
C ALA C 196 -7.10 15.09 -46.08
N ALA C 197 -6.40 13.96 -46.24
CA ALA C 197 -5.93 13.21 -45.08
C ALA C 197 -4.95 14.04 -44.26
N ALA C 198 -4.05 14.76 -44.92
CA ALA C 198 -3.12 15.63 -44.19
C ALA C 198 -3.87 16.74 -43.45
N TYR C 199 -4.92 17.29 -44.07
CA TYR C 199 -5.71 18.31 -43.41
C TYR C 199 -6.37 17.75 -42.15
N ILE C 200 -6.96 16.56 -42.26
CA ILE C 200 -7.62 15.94 -41.11
C ILE C 200 -6.61 15.69 -40.00
N GLN C 201 -5.43 15.19 -40.38
CA GLN C 201 -4.36 14.97 -39.40
C GLN C 201 -3.98 16.26 -38.71
N ALA C 202 -3.92 17.37 -39.47
CA ALA C 202 -3.61 18.66 -38.89
C ALA C 202 -4.69 19.09 -37.90
N GLN C 203 -5.96 18.84 -38.22
CA GLN C 203 -7.03 19.19 -37.30
C GLN C 203 -6.91 18.42 -35.99
N PHE C 204 -6.61 17.11 -36.05
CA PHE C 204 -6.38 16.40 -34.80
C PHE C 204 -5.14 16.91 -34.06
N GLU C 205 -4.05 17.14 -34.77
CA GLU C 205 -2.79 17.47 -34.10
C GLU C 205 -2.70 18.93 -33.67
N SER C 206 -3.67 19.76 -34.04
CA SER C 206 -3.70 21.15 -33.62
C SER C 206 -4.46 21.36 -32.31
N LYS C 207 -4.87 20.27 -31.64
CA LYS C 207 -5.61 20.38 -30.39
C LYS C 207 -4.72 20.32 -29.17
N ASN C 208 -3.50 19.81 -29.29
CA ASN C 208 -2.61 19.69 -28.15
C ASN C 208 -2.05 21.06 -27.75
N ARG C 209 -1.68 21.16 -26.47
CA ARG C 209 -1.00 22.35 -25.97
C ARG C 209 0.17 22.04 -25.05
N SER C 210 0.51 20.77 -24.85
CA SER C 210 1.58 20.40 -23.93
C SER C 210 2.79 19.96 -24.74
N PRO C 211 3.92 20.67 -24.65
CA PRO C 211 5.12 20.23 -25.38
C PRO C 211 5.65 18.89 -24.93
N ASN C 212 5.35 18.48 -23.70
CA ASN C 212 5.87 17.21 -23.18
C ASN C 212 5.27 16.00 -23.89
N LYS C 213 3.98 16.06 -24.24
CA LYS C 213 3.30 14.92 -24.86
C LYS C 213 3.29 15.06 -26.37
N GLU C 214 3.61 13.97 -27.05
CA GLU C 214 3.62 13.91 -28.51
C GLU C 214 2.54 12.96 -28.99
N ILE C 215 1.83 13.37 -30.04
CA ILE C 215 0.77 12.56 -30.64
C ILE C 215 1.36 11.80 -31.82
N TYR C 216 1.24 10.47 -31.78
CA TYR C 216 1.69 9.61 -32.86
C TYR C 216 0.51 9.28 -33.76
N CYS C 217 0.73 9.33 -35.07
CA CYS C 217 -0.32 9.18 -36.05
C CYS C 217 -0.02 8.01 -36.98
N HIS C 218 -1.07 7.40 -37.51
CA HIS C 218 -0.93 6.28 -38.42
C HIS C 218 -2.16 6.15 -39.29
N MET C 219 -2.00 5.44 -40.40
CA MET C 219 -3.07 5.16 -41.35
C MET C 219 -3.34 3.67 -41.39
N THR C 220 -4.61 3.29 -41.30
CA THR C 220 -5.02 1.89 -41.39
C THR C 220 -6.22 1.77 -42.31
N CYS C 221 -6.30 0.64 -43.02
CA CYS C 221 -7.37 0.38 -43.97
C CYS C 221 -8.13 -0.91 -43.65
N ALA C 222 -8.11 -1.33 -42.39
CA ALA C 222 -8.80 -2.54 -41.92
C ALA C 222 -8.33 -3.79 -42.64
N THR C 223 -7.15 -3.74 -43.26
CA THR C 223 -6.60 -4.91 -43.94
C THR C 223 -5.09 -5.04 -43.71
N ASP C 224 -4.51 -4.30 -42.78
CA ASP C 224 -3.08 -4.34 -42.50
C ASP C 224 -2.84 -4.99 -41.14
N THR C 225 -1.95 -5.98 -41.12
CA THR C 225 -1.63 -6.71 -39.89
C THR C 225 -0.38 -6.18 -39.20
N ASN C 226 0.21 -5.11 -39.70
CA ASN C 226 1.44 -4.57 -39.14
C ASN C 226 1.21 -3.47 -38.10
N ASN C 227 -0.04 -3.26 -37.69
CA ASN C 227 -0.35 -2.22 -36.72
C ASN C 227 0.21 -2.52 -35.33
N ALA C 228 0.62 -3.77 -35.07
CA ALA C 228 1.20 -4.09 -33.77
C ALA C 228 2.57 -3.44 -33.59
N GLN C 229 3.35 -3.36 -34.66
CA GLN C 229 4.69 -2.78 -34.55
C GLN C 229 4.63 -1.28 -34.24
N VAL C 230 3.61 -0.58 -34.74
CA VAL C 230 3.46 0.83 -34.41
C VAL C 230 3.21 1.01 -32.92
N ILE C 231 2.31 0.20 -32.36
CA ILE C 231 2.07 0.25 -30.92
C ILE C 231 3.36 -0.09 -30.18
N PHE C 232 4.10 -1.08 -30.67
CA PHE C 232 5.32 -1.52 -29.98
C PHE C 232 6.36 -0.42 -29.92
N ASP C 233 6.69 0.19 -31.07
CA ASP C 233 7.78 1.16 -31.07
C ASP C 233 7.33 2.48 -30.44
N ALA C 234 6.03 2.80 -30.53
CA ALA C 234 5.52 3.94 -29.77
C ALA C 234 5.68 3.72 -28.28
N VAL C 235 5.37 2.50 -27.80
CA VAL C 235 5.53 2.19 -26.39
C VAL C 235 7.00 2.27 -25.98
N THR C 236 7.90 1.77 -26.83
CA THR C 236 9.32 1.85 -26.50
C THR C 236 9.79 3.30 -26.42
N ASP C 237 9.35 4.13 -27.35
CA ASP C 237 9.73 5.54 -27.33
C ASP C 237 9.20 6.23 -26.07
N ILE C 238 7.95 5.94 -25.70
CA ILE C 238 7.39 6.55 -24.50
C ILE C 238 8.13 6.06 -23.26
N ILE C 239 8.53 4.79 -23.24
CA ILE C 239 9.30 4.26 -22.12
C ILE C 239 10.63 5.00 -22.01
N ILE C 240 11.31 5.19 -23.14
CA ILE C 240 12.59 5.91 -23.12
C ILE C 240 12.40 7.34 -22.62
N ALA C 241 11.35 8.01 -23.09
CA ALA C 241 11.10 9.38 -22.68
C ALA C 241 10.82 9.47 -21.18
N ASN C 242 9.96 8.59 -20.67
CA ASN C 242 9.65 8.60 -19.24
C ASN C 242 10.88 8.28 -18.40
N ASN C 243 11.70 7.34 -18.88
CA ASN C 243 12.92 6.99 -18.15
C ASN C 243 13.89 8.18 -18.10
N LEU C 244 14.05 8.88 -19.20
CA LEU C 244 14.89 10.08 -19.20
C LEU C 244 14.33 11.14 -18.26
N ARG C 245 13.01 11.34 -18.30
CA ARG C 245 12.40 12.37 -17.44
C ARG C 245 12.59 12.02 -15.97
N GLY C 246 12.45 10.75 -15.61
CA GLY C 246 12.63 10.34 -14.23
C GLY C 246 14.06 10.52 -13.74
N CYS C 247 15.04 10.19 -14.58
CA CYS C 247 16.44 10.26 -14.18
C CYS C 247 16.96 11.69 -14.08
N GLY C 248 16.21 12.68 -14.56
CA GLY C 248 16.62 14.06 -14.48
C GLY C 248 17.54 14.53 -15.59
N LEU C 249 17.96 13.64 -16.48
CA LEU C 249 18.81 14.04 -17.60
C LEU C 249 18.01 14.68 -18.72
N TYR C 250 16.69 14.52 -18.73
CA TYR C 250 15.84 15.07 -19.77
C TYR C 250 15.34 16.46 -19.39
N SER D 8 -43.84 10.30 -22.84
CA SER D 8 -43.18 10.59 -21.57
C SER D 8 -44.17 11.16 -20.56
N ILE D 9 -45.46 11.01 -20.86
CA ILE D 9 -46.49 11.49 -19.94
C ILE D 9 -46.45 10.71 -18.64
N ALA D 10 -46.15 9.40 -18.72
CA ALA D 10 -46.06 8.59 -17.51
C ALA D 10 -44.95 9.07 -16.59
N GLN D 11 -43.81 9.48 -17.17
CA GLN D 11 -42.72 10.00 -16.36
C GLN D 11 -43.12 11.27 -15.64
N ALA D 12 -43.83 12.17 -16.33
CA ALA D 12 -44.29 13.40 -15.69
C ALA D 12 -45.30 13.09 -14.59
N ARG D 13 -46.19 12.12 -14.82
CA ARG D 13 -47.15 11.72 -13.80
C ARG D 13 -46.43 11.16 -12.57
N LYS D 14 -45.41 10.33 -12.78
CA LYS D 14 -44.64 9.81 -11.67
C LYS D 14 -43.93 10.92 -10.91
N LEU D 15 -43.37 11.90 -11.64
CA LEU D 15 -42.69 13.01 -10.99
C LEU D 15 -43.65 13.83 -10.14
N VAL D 16 -44.83 14.14 -10.68
CA VAL D 16 -45.78 14.94 -9.92
C VAL D 16 -46.33 14.16 -8.73
N GLU D 17 -46.52 12.83 -8.89
CA GLU D 17 -46.94 12.02 -7.75
C GLU D 17 -45.89 12.01 -6.66
N GLN D 18 -44.61 11.87 -7.04
CA GLN D 18 -43.53 11.89 -6.06
C GLN D 18 -43.48 13.23 -5.34
N LEU D 19 -43.62 14.34 -6.08
CA LEU D 19 -43.61 15.66 -5.46
C LEU D 19 -44.78 15.83 -4.51
N LYS D 20 -45.98 15.37 -4.91
CA LYS D 20 -47.14 15.47 -4.04
C LYS D 20 -46.95 14.65 -2.77
N MET D 21 -46.40 13.45 -2.89
CA MET D 21 -46.15 12.63 -1.71
C MET D 21 -45.14 13.28 -0.78
N GLU D 22 -44.06 13.84 -1.34
CA GLU D 22 -43.05 14.48 -0.51
C GLU D 22 -43.60 15.74 0.17
N ALA D 23 -44.47 16.48 -0.53
CA ALA D 23 -45.00 17.71 0.03
C ALA D 23 -45.89 17.48 1.25
N ASN D 24 -46.39 16.26 1.43
CA ASN D 24 -47.29 15.95 2.55
C ASN D 24 -46.56 15.40 3.76
N ILE D 25 -45.30 15.77 3.96
CA ILE D 25 -44.52 15.34 5.10
C ILE D 25 -44.55 16.45 6.15
N ASP D 26 -45.01 16.13 7.35
CA ASP D 26 -45.05 17.10 8.43
C ASP D 26 -43.63 17.55 8.79
N ARG D 27 -43.44 18.85 8.92
CA ARG D 27 -42.12 19.44 9.14
C ARG D 27 -42.06 20.09 10.52
N ILE D 28 -40.93 19.90 11.18
CA ILE D 28 -40.66 20.51 12.48
C ILE D 28 -39.79 21.74 12.26
N LYS D 29 -40.04 22.79 13.06
CA LYS D 29 -39.24 24.00 12.96
C LYS D 29 -37.76 23.68 13.17
N VAL D 30 -36.91 24.31 12.36
CA VAL D 30 -35.47 24.05 12.39
C VAL D 30 -34.86 24.41 13.73
N SER D 31 -35.51 25.28 14.50
CA SER D 31 -35.00 25.64 15.82
C SER D 31 -34.94 24.42 16.73
N LYS D 32 -35.97 23.57 16.71
CA LYS D 32 -35.95 22.37 17.53
C LYS D 32 -34.90 21.38 17.05
N ALA D 33 -34.68 21.30 15.74
CA ALA D 33 -33.63 20.44 15.21
C ALA D 33 -32.25 20.90 15.70
N ALA D 34 -32.01 22.21 15.64
CA ALA D 34 -30.74 22.72 16.17
C ALA D 34 -30.62 22.45 17.66
N ALA D 35 -31.72 22.62 18.40
CA ALA D 35 -31.68 22.44 19.84
C ALA D 35 -31.35 21.00 20.21
N ASP D 36 -32.05 20.02 19.64
CA ASP D 36 -31.79 18.65 20.06
C ASP D 36 -30.49 18.12 19.45
N LEU D 37 -30.07 18.67 18.31
CA LEU D 37 -28.73 18.33 17.80
C LEU D 37 -27.64 18.79 18.77
N MET D 38 -27.77 20.02 19.28
CA MET D 38 -26.82 20.52 20.27
C MET D 38 -26.89 19.70 21.55
N ALA D 39 -28.10 19.30 21.96
CA ALA D 39 -28.25 18.48 23.16
C ALA D 39 -27.55 17.14 22.99
N TYR D 40 -27.71 16.51 21.82
CA TYR D 40 -27.03 15.24 21.57
C TYR D 40 -25.52 15.42 21.55
N CYS D 41 -25.04 16.50 20.95
CA CYS D 41 -23.60 16.76 20.92
C CYS D 41 -23.05 16.95 22.33
N GLU D 42 -23.78 17.67 23.18
CA GLU D 42 -23.31 17.93 24.54
C GLU D 42 -23.38 16.68 25.40
N ALA D 43 -24.41 15.85 25.21
CA ALA D 43 -24.62 14.70 26.09
C ALA D 43 -23.52 13.66 25.96
N HIS D 44 -22.92 13.52 24.79
CA HIS D 44 -21.89 12.53 24.55
C HIS D 44 -20.48 13.12 24.58
N ALA D 45 -20.32 14.32 25.14
CA ALA D 45 -19.01 14.95 25.19
C ALA D 45 -18.04 14.14 26.03
N LYS D 46 -18.50 13.60 27.17
CA LYS D 46 -17.61 12.86 28.05
C LYS D 46 -17.14 11.55 27.42
N GLU D 47 -17.94 10.96 26.53
CA GLU D 47 -17.60 9.70 25.89
C GLU D 47 -16.85 9.87 24.58
N ASP D 48 -16.51 11.10 24.20
CA ASP D 48 -15.80 11.34 22.96
C ASP D 48 -14.32 11.56 23.27
N PRO D 49 -13.44 10.61 22.94
CA PRO D 49 -12.02 10.77 23.25
C PRO D 49 -11.20 11.51 22.19
N LEU D 50 -11.84 12.12 21.20
CA LEU D 50 -11.10 12.85 20.17
C LEU D 50 -10.91 14.31 20.52
N LEU D 51 -11.98 14.99 20.92
CA LEU D 51 -11.86 16.39 21.30
C LEU D 51 -11.17 16.55 22.64
N THR D 52 -11.36 15.60 23.57
CA THR D 52 -10.59 15.57 24.80
C THR D 52 -9.47 14.56 24.66
N PRO D 53 -8.20 14.97 24.77
CA PRO D 53 -7.10 14.01 24.61
C PRO D 53 -7.16 12.91 25.66
N VAL D 54 -6.83 11.69 25.22
CA VAL D 54 -6.85 10.51 26.09
C VAL D 54 -5.51 10.41 26.81
N PRO D 55 -5.47 10.00 28.07
CA PRO D 55 -4.18 9.80 28.74
C PRO D 55 -3.37 8.71 28.07
N ALA D 56 -2.04 8.82 28.20
CA ALA D 56 -1.14 7.91 27.51
C ALA D 56 -1.33 6.47 27.98
N SER D 57 -1.52 6.27 29.28
CA SER D 57 -1.75 4.92 29.79
C SER D 57 -3.03 4.33 29.22
N GLU D 58 -4.11 5.13 29.16
CA GLU D 58 -5.35 4.66 28.58
C GLU D 58 -5.31 4.65 27.06
N ASN D 59 -4.35 5.36 26.46
CA ASN D 59 -4.26 5.42 25.01
C ASN D 59 -4.04 4.03 24.43
N PRO D 60 -4.81 3.62 23.42
CA PRO D 60 -4.64 2.27 22.87
C PRO D 60 -3.48 2.16 21.89
N PHE D 61 -3.07 3.25 21.25
CA PHE D 61 -1.98 3.23 20.29
C PHE D 61 -0.67 3.78 20.85
N ARG D 62 -0.59 3.95 22.16
CA ARG D 62 0.63 4.47 22.79
C ARG D 62 1.80 3.50 22.60
N ASP E 1 -14.19 -32.83 2.51
CA ASP E 1 -14.22 -32.29 3.87
C ASP E 1 -12.85 -32.36 4.52
N VAL E 2 -12.70 -31.69 5.66
CA VAL E 2 -11.44 -31.76 6.39
C VAL E 2 -11.29 -33.14 7.04
N GLN E 3 -10.10 -33.70 6.93
CA GLN E 3 -9.83 -35.04 7.46
C GLN E 3 -8.34 -35.26 7.51
N LEU E 4 -7.87 -35.91 8.57
CA LEU E 4 -6.47 -36.22 8.75
C LEU E 4 -6.31 -37.72 8.98
N VAL E 5 -5.30 -38.31 8.34
CA VAL E 5 -5.02 -39.73 8.46
C VAL E 5 -3.53 -39.92 8.67
N GLU E 6 -3.18 -40.93 9.48
CA GLU E 6 -1.79 -41.22 9.81
C GLU E 6 -1.49 -42.67 9.47
N SER E 7 -0.22 -42.93 9.16
CA SER E 7 0.20 -44.27 8.76
C SER E 7 1.63 -44.50 9.23
N GLY E 8 2.00 -45.78 9.31
CA GLY E 8 3.32 -46.16 9.74
C GLY E 8 3.40 -46.56 11.19
N GLY E 9 2.40 -47.31 11.66
CA GLY E 9 2.32 -47.74 13.04
C GLY E 9 2.45 -49.24 13.16
N GLY E 10 3.33 -49.67 14.07
CA GLY E 10 3.53 -51.09 14.30
C GLY E 10 4.60 -51.29 15.35
N LEU E 11 4.76 -52.54 15.76
CA LEU E 11 5.77 -52.89 16.74
C LEU E 11 7.17 -52.71 16.14
N VAL E 12 8.09 -52.20 16.95
CA VAL E 12 9.44 -51.90 16.52
C VAL E 12 10.42 -52.59 17.45
N GLN E 13 11.48 -53.17 16.88
CA GLN E 13 12.55 -53.71 17.70
C GLN E 13 13.23 -52.59 18.47
N PRO E 14 13.64 -52.83 19.72
CA PRO E 14 14.23 -51.74 20.51
C PRO E 14 15.50 -51.21 19.89
N GLY E 15 15.69 -49.89 20.01
CA GLY E 15 16.87 -49.24 19.49
C GLY E 15 16.87 -48.97 18.00
N GLY E 16 15.74 -49.16 17.33
CA GLY E 16 15.66 -48.98 15.89
C GLY E 16 15.24 -47.58 15.50
N SER E 17 14.71 -47.47 14.29
CA SER E 17 14.25 -46.20 13.74
C SER E 17 13.00 -46.45 12.90
N ARG E 18 12.19 -45.40 12.78
CA ARG E 18 10.95 -45.50 12.02
C ARG E 18 10.45 -44.09 11.71
N LYS E 19 9.82 -43.94 10.55
CA LYS E 19 9.24 -42.68 10.11
C LYS E 19 7.73 -42.70 10.30
N LEU E 20 7.18 -41.57 10.73
CA LEU E 20 5.75 -41.39 10.88
C LEU E 20 5.27 -40.31 9.91
N SER E 21 4.11 -40.55 9.29
CA SER E 21 3.58 -39.68 8.26
C SER E 21 2.17 -39.25 8.62
N CYS E 22 1.90 -37.95 8.54
CA CYS E 22 0.57 -37.39 8.72
C CYS E 22 0.09 -36.85 7.37
N SER E 23 -0.93 -37.48 6.81
CA SER E 23 -1.50 -37.05 5.55
C SER E 23 -2.73 -36.18 5.80
N ALA E 24 -2.87 -35.13 5.00
CA ALA E 24 -3.94 -34.16 5.16
C ALA E 24 -4.63 -33.93 3.83
N SER E 25 -5.92 -33.61 3.90
CA SER E 25 -6.70 -33.31 2.71
C SER E 25 -7.91 -32.49 3.11
N GLY E 26 -8.50 -31.81 2.11
CA GLY E 26 -9.70 -31.03 2.32
C GLY E 26 -9.49 -29.62 2.82
N PHE E 27 -8.24 -29.18 2.98
CA PHE E 27 -7.96 -27.83 3.45
C PHE E 27 -6.59 -27.40 2.96
N ALA E 28 -6.35 -26.09 3.02
CA ALA E 28 -5.08 -25.53 2.57
C ALA E 28 -3.98 -25.80 3.59
N PHE E 29 -3.28 -26.92 3.44
CA PHE E 29 -2.26 -27.30 4.41
C PHE E 29 -1.06 -26.37 4.38
N SER E 30 -0.78 -25.75 3.23
CA SER E 30 0.41 -24.92 3.10
C SER E 30 0.38 -23.69 3.99
N SER E 31 -0.80 -23.26 4.44
CA SER E 31 -0.92 -22.07 5.27
C SER E 31 -1.09 -22.38 6.75
N PHE E 32 -1.32 -23.64 7.10
CA PHE E 32 -1.60 -24.02 8.48
C PHE E 32 -0.33 -24.49 9.18
N GLY E 33 -0.49 -24.94 10.41
CA GLY E 33 0.60 -25.54 11.18
C GLY E 33 0.17 -26.85 11.78
N MET E 34 1.10 -27.81 11.82
CA MET E 34 0.83 -29.15 12.31
C MET E 34 1.57 -29.39 13.62
N HIS E 35 0.86 -29.90 14.62
CA HIS E 35 1.44 -30.25 15.90
C HIS E 35 1.66 -31.77 15.97
N TRP E 36 2.07 -32.24 17.14
CA TRP E 36 2.20 -33.67 17.39
C TRP E 36 2.03 -33.92 18.88
N VAL E 37 1.18 -34.89 19.23
CA VAL E 37 0.87 -35.19 20.62
C VAL E 37 0.84 -36.71 20.81
N ARG E 38 1.47 -37.18 21.88
CA ARG E 38 1.44 -38.60 22.24
C ARG E 38 0.47 -38.82 23.39
N GLN E 39 -0.07 -40.03 23.46
CA GLN E 39 -0.95 -40.42 24.56
C GLN E 39 -0.56 -41.81 25.03
N ALA E 40 -0.11 -41.90 26.27
CA ALA E 40 0.27 -43.20 26.83
C ALA E 40 -0.97 -44.09 26.94
N PRO E 41 -0.80 -45.41 26.86
CA PRO E 41 -1.97 -46.31 26.91
C PRO E 41 -2.77 -46.19 28.20
N GLU E 42 -2.15 -45.76 29.29
CA GLU E 42 -2.86 -45.57 30.55
C GLU E 42 -2.92 -44.11 31.00
N LYS E 43 -1.90 -43.31 30.69
CA LYS E 43 -1.86 -41.92 31.11
C LYS E 43 -2.56 -41.05 30.09
N GLY E 44 -2.37 -39.73 30.18
CA GLY E 44 -3.03 -38.79 29.30
C GLY E 44 -2.22 -38.41 28.07
N LEU E 45 -2.31 -37.14 27.69
CA LEU E 45 -1.66 -36.61 26.50
C LEU E 45 -0.31 -35.99 26.86
N GLU E 46 0.53 -35.83 25.84
CA GLU E 46 1.83 -35.22 26.02
C GLU E 46 2.29 -34.62 24.69
N TRP E 47 2.90 -33.44 24.77
CA TRP E 47 3.32 -32.70 23.59
C TRP E 47 4.62 -33.24 23.02
N VAL E 48 4.69 -33.32 21.69
CA VAL E 48 5.79 -34.01 21.02
C VAL E 48 6.66 -33.06 20.21
N ALA E 49 6.06 -32.42 19.19
CA ALA E 49 6.86 -31.66 18.24
C ALA E 49 5.96 -30.66 17.53
N TYR E 50 6.61 -29.75 16.78
CA TYR E 50 5.93 -28.69 16.06
C TYR E 50 6.76 -28.24 14.86
N ILE E 51 6.07 -27.85 13.80
CA ILE E 51 6.66 -27.11 12.68
C ILE E 51 5.70 -25.98 12.33
N SER E 52 6.26 -24.81 12.01
CA SER E 52 5.42 -23.64 11.76
C SER E 52 5.09 -23.52 10.28
N SER E 53 4.38 -22.47 9.93
CA SER E 53 4.03 -22.22 8.53
C SER E 53 5.28 -21.86 7.74
N GLY E 54 5.47 -22.53 6.60
CA GLY E 54 6.65 -22.32 5.80
C GLY E 54 7.91 -22.94 6.35
N SER E 55 7.80 -23.86 7.31
CA SER E 55 8.94 -24.50 7.95
C SER E 55 9.89 -23.47 8.56
N GLY E 56 9.32 -22.45 9.19
CA GLY E 56 10.11 -21.39 9.78
C GLY E 56 10.81 -21.80 11.06
N THR E 57 10.04 -22.12 12.10
CA THR E 57 10.58 -22.49 13.40
C THR E 57 10.09 -23.88 13.78
N ILE E 58 10.98 -24.68 14.36
CA ILE E 58 10.67 -26.03 14.79
C ILE E 58 11.05 -26.16 16.26
N TYR E 59 10.12 -26.61 17.08
CA TYR E 59 10.32 -26.76 18.51
C TYR E 59 10.23 -28.23 18.91
N TYR E 60 10.68 -28.53 20.12
CA TYR E 60 10.66 -29.89 20.63
C TYR E 60 10.54 -29.86 22.14
N ALA E 61 10.11 -30.99 22.70
CA ALA E 61 10.05 -31.14 24.15
C ALA E 61 11.41 -31.56 24.70
N ASP E 62 11.57 -31.39 26.01
CA ASP E 62 12.86 -31.66 26.65
C ASP E 62 13.22 -33.15 26.56
N THR E 63 12.24 -34.03 26.68
CA THR E 63 12.49 -35.46 26.72
C THR E 63 12.53 -36.10 25.34
N VAL E 64 12.41 -35.32 24.27
CA VAL E 64 12.38 -35.87 22.93
C VAL E 64 13.39 -35.13 22.07
N LYS E 65 13.91 -34.02 22.58
CA LYS E 65 14.82 -33.18 21.80
C LYS E 65 16.10 -33.94 21.45
N GLY E 66 16.58 -33.73 20.22
CA GLY E 66 17.81 -34.34 19.77
C GLY E 66 17.68 -35.74 19.25
N ARG E 67 16.48 -36.32 19.25
CA ARG E 67 16.27 -37.67 18.75
C ARG E 67 15.21 -37.77 17.67
N PHE E 68 14.34 -36.77 17.54
CA PHE E 68 13.28 -36.77 16.53
C PHE E 68 13.56 -35.73 15.47
N THR E 69 12.77 -35.79 14.39
CA THR E 69 12.87 -34.82 13.31
C THR E 69 11.48 -34.62 12.71
N ILE E 70 11.01 -33.37 12.72
CA ILE E 70 9.69 -33.02 12.20
C ILE E 70 9.88 -32.20 10.93
N SER E 71 9.31 -32.67 9.83
CA SER E 71 9.42 -31.99 8.54
C SER E 71 8.06 -31.98 7.87
N ARG E 72 7.88 -31.01 6.96
CA ARG E 72 6.64 -30.86 6.22
C ARG E 72 6.94 -30.80 4.73
N ASP E 73 6.13 -31.51 3.95
CA ASP E 73 6.17 -31.47 2.49
C ASP E 73 4.90 -30.78 2.01
N ASP E 74 4.96 -29.45 1.90
CA ASP E 74 3.78 -28.68 1.55
C ASP E 74 3.17 -29.07 0.20
N PRO E 75 3.94 -29.18 -0.90
CA PRO E 75 3.32 -29.63 -2.16
C PRO E 75 2.72 -31.02 -2.06
N LYS E 76 3.31 -31.91 -1.27
CA LYS E 76 2.76 -33.24 -1.08
C LYS E 76 1.60 -33.28 -0.10
N ASN E 77 1.37 -32.19 0.64
CA ASN E 77 0.26 -32.09 1.58
C ASN E 77 0.34 -33.21 2.63
N THR E 78 1.54 -33.42 3.18
CA THR E 78 1.76 -34.41 4.22
C THR E 78 2.68 -33.83 5.29
N LEU E 79 2.55 -34.35 6.51
CA LEU E 79 3.41 -33.98 7.63
C LEU E 79 4.20 -35.19 8.06
N PHE E 80 5.50 -35.02 8.24
CA PHE E 80 6.43 -36.11 8.53
C PHE E 80 7.00 -35.97 9.93
N LEU E 81 7.41 -37.11 10.50
CA LEU E 81 8.04 -37.15 11.81
C LEU E 81 9.05 -38.29 11.82
N GLN E 82 10.33 -37.95 11.64
CA GLN E 82 11.41 -38.91 11.72
C GLN E 82 11.80 -39.08 13.18
N MET E 83 11.78 -40.32 13.66
CA MET E 83 12.04 -40.65 15.05
C MET E 83 12.97 -41.84 15.13
N THR E 84 13.98 -41.74 15.99
CA THR E 84 15.08 -42.69 16.02
C THR E 84 15.37 -43.11 17.46
N SER E 85 16.12 -44.21 17.59
CA SER E 85 16.56 -44.74 18.88
C SER E 85 15.38 -45.00 19.80
N LEU E 86 14.54 -45.96 19.38
CA LEU E 86 13.33 -46.29 20.12
C LEU E 86 13.69 -46.86 21.48
N ARG E 87 13.38 -46.12 22.54
CA ARG E 87 13.47 -46.62 23.89
C ARG E 87 12.10 -47.16 24.33
N SER E 88 12.03 -47.66 25.57
CA SER E 88 10.82 -48.31 26.05
C SER E 88 9.71 -47.33 26.44
N GLU E 89 10.01 -46.04 26.51
CA GLU E 89 9.05 -45.05 26.95
C GLU E 89 8.35 -44.33 25.80
N ASP E 90 8.62 -44.71 24.55
CA ASP E 90 8.04 -44.01 23.41
C ASP E 90 6.74 -44.60 22.93
N THR E 91 6.32 -45.76 23.44
CA THR E 91 5.06 -46.35 23.02
C THR E 91 3.90 -45.52 23.56
N ALA E 92 2.99 -45.12 22.68
CA ALA E 92 1.88 -44.23 23.05
C ALA E 92 0.96 -44.09 21.84
N MET E 93 -0.12 -43.33 22.04
CA MET E 93 -1.05 -42.95 20.99
C MET E 93 -0.62 -41.60 20.43
N TYR E 94 -0.10 -41.59 19.20
CA TYR E 94 0.42 -40.37 18.59
C TYR E 94 -0.66 -39.77 17.69
N TYR E 95 -1.04 -38.53 17.98
CA TYR E 95 -2.05 -37.81 17.22
C TYR E 95 -1.41 -36.72 16.37
N CYS E 96 -2.17 -36.27 15.38
CA CYS E 96 -1.76 -35.18 14.49
C CYS E 96 -2.78 -34.06 14.63
N VAL E 97 -2.29 -32.84 14.90
CA VAL E 97 -3.14 -31.72 15.26
C VAL E 97 -2.85 -30.55 14.32
N ARG E 98 -3.91 -29.94 13.79
CA ARG E 98 -3.82 -28.75 12.96
C ARG E 98 -3.88 -27.50 13.83
N SER E 99 -3.22 -26.44 13.37
CA SER E 99 -3.25 -25.18 14.10
C SER E 99 -2.96 -24.02 13.15
N ILE E 100 -3.66 -22.91 13.35
CA ILE E 100 -3.42 -21.67 12.63
C ILE E 100 -3.37 -20.53 13.64
N TYR E 101 -2.47 -19.57 13.40
CA TYR E 101 -2.21 -18.51 14.38
C TYR E 101 -2.36 -17.15 13.70
N TYR E 102 -3.42 -16.43 14.07
CA TYR E 102 -3.56 -15.01 13.77
C TYR E 102 -4.55 -14.43 14.78
N TYR E 103 -5.00 -13.21 14.55
CA TYR E 103 -5.95 -12.60 15.46
C TYR E 103 -7.32 -13.21 15.26
N GLY E 104 -7.87 -13.81 16.32
CA GLY E 104 -9.17 -14.43 16.27
C GLY E 104 -9.19 -15.86 15.78
N SER E 105 -8.03 -16.46 15.50
CA SER E 105 -8.00 -17.84 15.05
C SER E 105 -8.22 -18.79 16.22
N SER E 106 -8.48 -20.06 15.89
CA SER E 106 -8.74 -21.10 16.88
C SER E 106 -7.75 -22.24 16.65
N PRO E 107 -6.59 -22.20 17.28
CA PRO E 107 -5.63 -23.30 17.13
C PRO E 107 -6.14 -24.57 17.76
N PHE E 108 -5.60 -25.70 17.30
CA PHE E 108 -5.97 -27.03 17.76
C PHE E 108 -7.44 -27.35 17.46
N ASP E 109 -7.98 -26.72 16.40
CA ASP E 109 -9.40 -26.87 16.11
C ASP E 109 -9.77 -28.29 15.70
N PHE E 110 -8.93 -28.94 14.89
CA PHE E 110 -9.22 -30.26 14.37
C PHE E 110 -8.09 -31.21 14.73
N TRP E 111 -8.46 -32.41 15.19
CA TRP E 111 -7.52 -33.44 15.60
C TRP E 111 -7.63 -34.65 14.67
N GLY E 112 -6.50 -35.32 14.46
CA GLY E 112 -6.47 -36.49 13.60
C GLY E 112 -6.94 -37.74 14.31
N GLN E 113 -6.95 -38.84 13.57
CA GLN E 113 -7.39 -40.11 14.13
C GLN E 113 -6.35 -40.70 15.07
N GLY E 114 -5.07 -40.65 14.70
CA GLY E 114 -4.02 -41.16 15.54
C GLY E 114 -3.49 -42.50 15.07
N THR E 115 -2.27 -42.83 15.50
CA THR E 115 -1.61 -44.07 15.14
C THR E 115 -0.97 -44.70 16.36
N THR E 116 -0.81 -46.02 16.31
CA THR E 116 -0.29 -46.80 17.42
C THR E 116 1.14 -47.25 17.14
N LEU E 117 2.03 -47.02 18.09
CA LEU E 117 3.40 -47.48 18.01
C LEU E 117 3.75 -48.22 19.30
N THR E 118 4.41 -49.36 19.16
CA THR E 118 4.72 -50.22 20.30
C THR E 118 6.20 -50.56 20.30
N VAL E 119 6.84 -50.39 21.45
CA VAL E 119 8.23 -50.76 21.66
C VAL E 119 8.33 -51.53 22.97
N SER E 120 8.98 -52.69 22.93
CA SER E 120 9.17 -53.48 24.13
C SER E 120 10.64 -53.52 24.53
N GLY E 135 11.84 -28.46 35.63
CA GLY E 135 12.63 -27.26 35.86
C GLY E 135 11.82 -25.97 35.73
N SER E 136 12.02 -25.27 34.62
CA SER E 136 11.31 -24.04 34.35
C SER E 136 10.01 -24.25 33.58
N ASP E 137 9.66 -25.49 33.28
CA ASP E 137 8.44 -25.76 32.53
C ASP E 137 7.21 -25.53 33.40
N ILE E 138 6.15 -25.01 32.79
CA ILE E 138 4.89 -24.79 33.48
C ILE E 138 4.18 -26.14 33.64
N VAL E 139 3.80 -26.46 34.86
CA VAL E 139 3.20 -27.75 35.20
C VAL E 139 1.70 -27.58 35.38
N MET E 140 0.93 -28.43 34.73
CA MET E 140 -0.52 -28.43 34.82
C MET E 140 -0.95 -29.53 35.79
N THR E 141 -1.87 -29.20 36.70
CA THR E 141 -2.34 -30.16 37.69
C THR E 141 -3.84 -29.99 37.88
N GLN E 142 -4.54 -31.11 38.04
CA GLN E 142 -5.95 -31.13 38.41
C GLN E 142 -6.17 -32.25 39.41
N ALA E 143 -6.70 -31.90 40.59
CA ALA E 143 -6.82 -32.87 41.67
C ALA E 143 -7.87 -33.93 41.34
N THR E 144 -9.03 -33.51 40.85
CA THR E 144 -10.12 -34.44 40.57
C THR E 144 -9.80 -35.25 39.32
N SER E 145 -9.72 -36.57 39.47
CA SER E 145 -9.47 -37.47 38.36
C SER E 145 -10.65 -38.37 38.04
N SER E 146 -11.70 -38.36 38.86
CA SER E 146 -12.88 -39.18 38.61
C SER E 146 -14.06 -38.53 39.32
N VAL E 147 -14.99 -37.99 38.55
CA VAL E 147 -16.17 -37.31 39.07
C VAL E 147 -17.41 -38.04 38.56
N PRO E 148 -17.99 -38.92 39.37
CA PRO E 148 -19.24 -39.57 38.95
C PRO E 148 -20.42 -38.61 39.06
N VAL E 149 -21.23 -38.57 38.01
CA VAL E 149 -22.37 -37.66 37.95
C VAL E 149 -23.39 -38.22 36.98
N THR E 150 -24.69 -38.08 37.34
CA THR E 150 -25.83 -38.48 36.53
C THR E 150 -26.18 -37.38 35.54
N PRO E 151 -26.77 -37.73 34.39
CA PRO E 151 -27.18 -36.71 33.43
C PRO E 151 -28.22 -35.76 34.00
N GLY E 152 -28.17 -34.51 33.54
CA GLY E 152 -29.10 -33.49 33.96
C GLY E 152 -28.55 -32.50 34.96
N GLU E 153 -27.40 -32.77 35.55
CA GLU E 153 -26.79 -31.88 36.52
C GLU E 153 -25.64 -31.10 35.89
N SER E 154 -25.10 -30.15 36.65
CA SER E 154 -23.99 -29.32 36.21
C SER E 154 -22.70 -29.80 36.87
N VAL E 155 -21.68 -30.07 36.06
CA VAL E 155 -20.40 -30.57 36.52
C VAL E 155 -19.31 -29.59 36.09
N SER E 156 -18.46 -29.20 37.04
CA SER E 156 -17.37 -28.28 36.79
C SER E 156 -16.04 -28.99 36.99
N ILE E 157 -15.10 -28.78 36.08
CA ILE E 157 -13.79 -29.41 36.11
C ILE E 157 -12.75 -28.30 36.26
N SER E 158 -11.84 -28.48 37.22
CA SER E 158 -10.82 -27.48 37.53
C SER E 158 -9.49 -27.83 36.86
N CYS E 159 -8.63 -26.83 36.77
CA CYS E 159 -7.28 -27.00 36.24
C CYS E 159 -6.44 -25.84 36.76
N ARG E 160 -5.43 -26.15 37.58
CA ARG E 160 -4.63 -25.15 38.25
C ARG E 160 -3.29 -24.96 37.54
N SER E 161 -2.68 -23.81 37.79
CA SER E 161 -1.46 -23.41 37.11
C SER E 161 -0.37 -23.08 38.13
N SER E 162 0.86 -23.45 37.81
CA SER E 162 2.00 -23.06 38.63
C SER E 162 2.38 -21.60 38.39
N LYS E 163 2.25 -21.14 37.15
CA LYS E 163 2.55 -19.77 36.78
C LYS E 163 1.33 -19.14 36.10
N SER E 164 1.11 -17.85 36.36
CA SER E 164 -0.05 -17.17 35.80
C SER E 164 0.00 -17.20 34.28
N LEU E 165 -1.14 -17.52 33.66
CA LEU E 165 -1.26 -17.63 32.22
C LEU E 165 -1.77 -16.35 31.56
N LEU E 166 -2.02 -15.30 32.33
CA LEU E 166 -2.56 -14.07 31.78
C LEU E 166 -1.41 -13.24 31.19
N HIS E 167 -1.41 -13.08 29.87
CA HIS E 167 -0.36 -12.34 29.19
C HIS E 167 -0.62 -10.84 29.32
N SER E 168 0.42 -10.06 28.99
CA SER E 168 0.33 -8.61 29.11
C SER E 168 -0.74 -8.02 28.20
N ASN E 169 -0.99 -8.65 27.05
CA ASN E 169 -1.97 -8.14 26.11
C ASN E 169 -3.41 -8.41 26.54
N GLY E 170 -3.63 -9.25 27.55
CA GLY E 170 -4.96 -9.55 28.03
C GLY E 170 -5.53 -10.89 27.61
N ASN E 171 -4.75 -11.74 26.97
CA ASN E 171 -5.20 -13.06 26.52
C ASN E 171 -4.63 -14.13 27.44
N THR E 172 -5.51 -14.97 27.98
CA THR E 172 -5.10 -16.09 28.82
C THR E 172 -5.14 -17.37 27.98
N TYR E 173 -3.98 -18.01 27.85
CA TYR E 173 -3.85 -19.17 26.96
C TYR E 173 -4.03 -20.45 27.79
N LEU E 174 -5.29 -20.80 28.03
CA LEU E 174 -5.66 -22.00 28.77
C LEU E 174 -6.74 -22.72 27.99
N TYR E 175 -6.35 -23.67 27.15
CA TYR E 175 -7.27 -24.38 26.29
C TYR E 175 -8.00 -25.47 27.07
N TRP E 176 -9.09 -25.95 26.48
CA TRP E 176 -9.87 -27.04 27.05
C TRP E 176 -10.19 -28.05 25.95
N PHE E 177 -10.03 -29.33 26.26
CA PHE E 177 -10.25 -30.38 25.27
C PHE E 177 -11.02 -31.53 25.91
N LEU E 178 -11.83 -32.20 25.09
CA LEU E 178 -12.63 -33.34 25.52
C LEU E 178 -12.29 -34.54 24.64
N GLN E 179 -12.02 -35.67 25.27
CA GLN E 179 -11.65 -36.90 24.55
C GLN E 179 -12.69 -37.96 24.88
N ARG E 180 -13.61 -38.18 23.94
CA ARG E 180 -14.62 -39.21 24.12
C ARG E 180 -13.98 -40.59 24.03
N PRO E 181 -14.50 -41.57 24.76
CA PRO E 181 -13.96 -42.93 24.67
C PRO E 181 -14.14 -43.51 23.28
N GLY E 182 -13.08 -44.12 22.77
CA GLY E 182 -13.08 -44.69 21.43
C GLY E 182 -12.91 -43.70 20.31
N GLN E 183 -12.66 -42.43 20.62
CA GLN E 183 -12.52 -41.40 19.59
C GLN E 183 -11.28 -40.55 19.84
N SER E 184 -11.14 -39.46 19.08
CA SER E 184 -10.05 -38.51 19.16
C SER E 184 -10.48 -37.27 19.96
N PRO E 185 -9.54 -36.59 20.60
CA PRO E 185 -9.90 -35.39 21.36
C PRO E 185 -10.46 -34.29 20.46
N GLN E 186 -11.35 -33.50 21.03
CA GLN E 186 -11.97 -32.38 20.32
C GLN E 186 -11.87 -31.13 21.18
N LEU E 187 -11.85 -29.98 20.53
CA LEU E 187 -11.71 -28.72 21.24
C LEU E 187 -13.08 -28.21 21.68
N LEU E 188 -13.14 -27.69 22.91
CA LEU E 188 -14.37 -27.14 23.45
C LEU E 188 -14.26 -25.65 23.72
N ILE E 189 -13.28 -25.20 24.49
CA ILE E 189 -13.05 -23.79 24.76
C ILE E 189 -11.58 -23.47 24.53
N TYR E 190 -11.30 -22.45 23.75
CA TYR E 190 -9.94 -21.98 23.52
C TYR E 190 -9.75 -20.61 24.16
N ARG E 191 -8.53 -20.37 24.64
CA ARG E 191 -8.16 -19.14 25.33
C ARG E 191 -9.00 -18.90 26.59
N MET E 192 -9.60 -19.98 27.11
CA MET E 192 -10.26 -20.04 28.41
C MET E 192 -11.55 -19.23 28.49
N SER E 193 -11.95 -18.54 27.42
CA SER E 193 -13.16 -17.73 27.44
C SER E 193 -13.99 -17.79 26.17
N ASN E 194 -13.41 -18.16 25.04
CA ASN E 194 -14.12 -18.18 23.77
C ASN E 194 -14.50 -19.60 23.40
N LEU E 195 -15.68 -19.77 22.83
CA LEU E 195 -16.23 -21.08 22.54
C LEU E 195 -15.84 -21.54 21.14
N ALA E 196 -15.90 -22.85 20.92
CA ALA E 196 -15.48 -23.45 19.67
C ALA E 196 -16.56 -23.26 18.60
N SER E 197 -16.41 -23.94 17.47
CA SER E 197 -17.34 -23.87 16.36
C SER E 197 -18.09 -25.19 16.22
N GLY E 198 -19.42 -25.13 16.29
CA GLY E 198 -20.26 -26.29 16.17
C GLY E 198 -20.55 -27.01 17.47
N VAL E 199 -19.76 -26.75 18.51
CA VAL E 199 -20.02 -27.34 19.83
C VAL E 199 -21.29 -26.74 20.41
N PRO E 200 -22.11 -27.52 21.12
CA PRO E 200 -23.33 -26.95 21.70
C PRO E 200 -23.02 -25.85 22.71
N ASP E 201 -23.97 -24.90 22.82
CA ASP E 201 -23.78 -23.70 23.62
C ASP E 201 -23.75 -23.97 25.12
N ARG E 202 -24.07 -25.19 25.56
CA ARG E 202 -24.10 -25.47 27.00
C ARG E 202 -22.72 -25.33 27.63
N PHE E 203 -21.66 -25.70 26.90
CA PHE E 203 -20.32 -25.62 27.44
C PHE E 203 -19.92 -24.17 27.68
N SER E 204 -19.17 -23.94 28.75
CA SER E 204 -18.71 -22.61 29.11
C SER E 204 -17.35 -22.71 29.77
N GLY E 205 -16.63 -21.59 29.80
CA GLY E 205 -15.30 -21.56 30.37
C GLY E 205 -15.12 -20.35 31.28
N SER E 206 -14.18 -20.51 32.21
CA SER E 206 -13.85 -19.45 33.15
C SER E 206 -12.45 -19.69 33.70
N GLY E 207 -11.86 -18.64 34.25
CA GLY E 207 -10.52 -18.73 34.81
C GLY E 207 -9.91 -17.37 35.09
N SER E 208 -8.99 -17.31 36.05
CA SER E 208 -8.37 -16.04 36.43
C SER E 208 -6.99 -16.34 37.00
N GLY E 209 -5.95 -16.11 36.19
CA GLY E 209 -4.59 -16.22 36.66
C GLY E 209 -4.03 -17.63 36.69
N THR E 210 -4.46 -18.41 37.67
CA THR E 210 -3.93 -19.76 37.84
C THR E 210 -5.01 -20.84 37.89
N ALA E 211 -6.17 -20.53 38.46
CA ALA E 211 -7.26 -21.51 38.59
C ALA E 211 -8.26 -21.30 37.48
N PHE E 212 -8.55 -22.36 36.73
CA PHE E 212 -9.48 -22.32 35.62
C PHE E 212 -10.53 -23.41 35.81
N THR E 213 -11.78 -23.08 35.50
CA THR E 213 -12.89 -24.03 35.60
C THR E 213 -13.65 -24.08 34.28
N LEU E 214 -14.03 -25.27 33.87
CA LEU E 214 -14.80 -25.50 32.65
C LEU E 214 -16.23 -25.86 33.06
N THR E 215 -17.04 -24.83 33.27
CA THR E 215 -18.42 -25.03 33.70
C THR E 215 -19.25 -25.64 32.57
N ILE E 216 -20.05 -26.65 32.92
CA ILE E 216 -20.93 -27.32 31.97
C ILE E 216 -22.32 -27.39 32.58
N SER E 217 -23.33 -27.12 31.77
CA SER E 217 -24.73 -27.14 32.20
C SER E 217 -25.50 -28.15 31.37
N ARG E 218 -26.47 -28.81 32.00
CA ARG E 218 -27.37 -29.77 31.36
C ARG E 218 -26.58 -30.89 30.70
N LEU E 219 -25.91 -31.67 31.56
CA LEU E 219 -25.14 -32.82 31.10
C LEU E 219 -26.04 -33.83 30.39
N GLU E 220 -25.53 -34.40 29.31
CA GLU E 220 -26.21 -35.44 28.58
C GLU E 220 -25.32 -36.69 28.50
N ALA E 221 -25.78 -37.69 27.75
CA ALA E 221 -25.04 -38.94 27.67
C ALA E 221 -23.80 -38.82 26.80
N GLU E 222 -23.81 -37.94 25.81
CA GLU E 222 -22.71 -37.83 24.86
C GLU E 222 -21.56 -36.99 25.39
N ASP E 223 -21.69 -36.38 26.56
CA ASP E 223 -20.65 -35.52 27.11
C ASP E 223 -19.65 -36.28 28.00
N VAL E 224 -19.81 -37.59 28.16
CA VAL E 224 -18.92 -38.35 29.01
C VAL E 224 -17.56 -38.53 28.33
N GLY E 225 -16.54 -38.74 29.15
CA GLY E 225 -15.18 -38.92 28.67
C GLY E 225 -14.18 -38.44 29.71
N VAL E 226 -13.00 -38.09 29.22
CA VAL E 226 -11.93 -37.56 30.07
C VAL E 226 -11.45 -36.24 29.48
N TYR E 227 -11.27 -35.24 30.35
CA TYR E 227 -10.94 -33.89 29.93
C TYR E 227 -9.45 -33.64 30.06
N TYR E 228 -8.97 -32.68 29.27
CA TYR E 228 -7.57 -32.27 29.30
C TYR E 228 -7.48 -30.77 29.13
N CYS E 229 -6.63 -30.13 29.92
CA CYS E 229 -6.43 -28.69 29.88
C CYS E 229 -5.00 -28.39 29.44
N MET E 230 -4.86 -27.50 28.46
CA MET E 230 -3.57 -27.12 27.89
C MET E 230 -3.26 -25.66 28.19
N GLN E 231 -1.99 -25.38 28.44
CA GLN E 231 -1.49 -24.01 28.48
C GLN E 231 -0.71 -23.72 27.20
N HIS E 232 -0.71 -22.46 26.80
CA HIS E 232 -0.02 -22.08 25.56
C HIS E 232 0.84 -20.84 25.71
N LEU E 233 1.34 -20.55 26.91
CA LEU E 233 2.16 -19.36 27.11
C LEU E 233 3.53 -19.52 26.47
N GLU E 234 4.17 -20.67 26.68
CA GLU E 234 5.50 -20.90 26.14
C GLU E 234 5.73 -22.40 25.98
N TYR E 235 6.51 -22.76 24.97
CA TYR E 235 6.83 -24.16 24.73
C TYR E 235 7.80 -24.67 25.80
N PRO E 236 7.72 -25.95 26.17
CA PRO E 236 6.80 -26.99 25.67
C PRO E 236 5.39 -26.82 26.20
N LEU E 237 4.40 -27.41 25.52
CA LEU E 237 3.00 -27.21 25.86
C LEU E 237 2.57 -28.37 26.75
N THR E 238 2.72 -28.19 28.07
CA THR E 238 2.49 -29.27 29.02
C THR E 238 1.00 -29.49 29.24
N PHE E 239 0.61 -30.77 29.29
CA PHE E 239 -0.77 -31.17 29.51
C PHE E 239 -1.03 -31.36 31.00
N GLY E 240 -2.26 -31.75 31.34
CA GLY E 240 -2.63 -32.12 32.68
C GLY E 240 -2.73 -33.63 32.83
N ALA E 241 -2.88 -34.07 34.08
CA ALA E 241 -3.00 -35.49 34.36
C ALA E 241 -4.26 -36.07 33.74
N GLY E 242 -5.38 -35.35 33.86
CA GLY E 242 -6.63 -35.80 33.26
C GLY E 242 -7.77 -35.92 34.25
N THR E 243 -8.92 -35.35 33.89
CA THR E 243 -10.13 -35.43 34.70
C THR E 243 -11.17 -36.25 33.95
N LYS E 244 -11.69 -37.28 34.59
CA LYS E 244 -12.62 -38.22 33.97
C LYS E 244 -14.04 -37.98 34.48
N LEU E 245 -14.98 -37.85 33.56
CA LEU E 245 -16.40 -37.74 33.88
C LEU E 245 -17.11 -38.99 33.38
N GLU E 246 -17.82 -39.67 34.27
CA GLU E 246 -18.43 -40.95 33.96
C GLU E 246 -19.90 -40.95 34.37
N LEU E 247 -20.65 -41.86 33.78
CA LEU E 247 -22.06 -42.02 34.13
C LEU E 247 -22.22 -42.49 35.57
N LYS E 248 -23.28 -42.02 36.20
CA LYS E 248 -23.62 -42.39 37.58
C LYS E 248 -22.47 -42.07 38.54
N TRP F 74 52.67 28.66 11.69
CA TRP F 74 52.32 28.25 10.33
C TRP F 74 52.43 29.42 9.36
N ASN F 75 53.36 29.32 8.41
CA ASN F 75 53.59 30.36 7.41
C ASN F 75 53.90 29.66 6.08
N GLU F 76 52.86 29.44 5.28
CA GLU F 76 52.99 28.83 3.96
C GLU F 76 51.72 29.04 3.15
N PRO F 77 51.82 29.40 1.88
CA PRO F 77 50.63 29.54 1.04
C PRO F 77 49.83 28.26 0.92
N PRO F 78 50.45 27.10 0.64
CA PRO F 78 49.63 25.90 0.40
C PRO F 78 48.79 25.49 1.60
N VAL F 79 49.32 25.60 2.82
CA VAL F 79 48.57 25.12 3.98
C VAL F 79 47.36 26.01 4.24
N ILE F 80 47.53 27.33 4.15
CA ILE F 80 46.40 28.22 4.38
C ILE F 80 45.36 28.08 3.26
N LEU F 81 45.82 27.90 2.02
CA LEU F 81 44.88 27.70 0.92
C LEU F 81 44.09 26.42 1.12
N SER F 82 44.76 25.34 1.53
CA SER F 82 44.07 24.08 1.79
C SER F 82 43.09 24.22 2.94
N MET F 83 43.48 24.97 3.98
CA MET F 83 42.57 25.17 5.11
C MET F 83 41.32 25.92 4.67
N VAL F 84 41.48 26.96 3.86
CA VAL F 84 40.32 27.72 3.38
C VAL F 84 39.43 26.84 2.52
N ILE F 85 40.03 26.07 1.61
CA ILE F 85 39.24 25.22 0.72
C ILE F 85 38.51 24.15 1.51
N LEU F 86 39.18 23.58 2.52
CA LEU F 86 38.54 22.56 3.35
C LEU F 86 37.38 23.15 4.16
N SER F 87 37.56 24.36 4.69
CA SER F 87 36.48 25.01 5.43
C SER F 87 35.29 25.27 4.51
N LEU F 88 35.55 25.75 3.29
CA LEU F 88 34.47 25.98 2.34
C LEU F 88 33.77 24.67 1.99
N THR F 89 34.55 23.60 1.80
CA THR F 89 33.97 22.30 1.48
C THR F 89 33.08 21.81 2.62
N PHE F 90 33.55 21.95 3.86
CA PHE F 90 32.74 21.56 5.01
C PHE F 90 31.44 22.34 5.05
N LEU F 91 31.53 23.66 4.95
CA LEU F 91 30.35 24.51 5.08
C LEU F 91 29.35 24.28 3.95
N LEU F 92 29.84 24.01 2.73
CA LEU F 92 28.95 23.80 1.59
C LEU F 92 28.52 22.35 1.43
N GLY F 93 29.12 21.42 2.18
CA GLY F 93 28.77 20.03 2.02
C GLY F 93 27.92 19.46 3.13
N LEU F 94 28.19 19.84 4.38
CA LEU F 94 27.46 19.25 5.49
C LEU F 94 25.95 19.53 5.42
N PRO F 95 25.48 20.78 5.27
CA PRO F 95 24.03 20.99 5.23
C PRO F 95 23.37 20.39 4.00
N GLY F 96 23.98 20.54 2.83
CA GLY F 96 23.38 19.98 1.62
C GLY F 96 23.29 18.47 1.68
N ASN F 97 24.36 17.81 2.12
CA ASN F 97 24.34 16.36 2.26
C ASN F 97 23.30 15.92 3.28
N GLY F 98 23.22 16.61 4.41
CA GLY F 98 22.21 16.25 5.41
C GLY F 98 20.81 16.38 4.86
N LEU F 99 20.52 17.51 4.20
CA LEU F 99 19.20 17.73 3.64
C LEU F 99 18.84 16.67 2.60
N VAL F 100 19.78 16.39 1.68
CA VAL F 100 19.49 15.44 0.62
C VAL F 100 19.28 14.04 1.19
N LEU F 101 20.14 13.62 2.12
CA LEU F 101 19.99 12.32 2.74
C LEU F 101 18.64 12.22 3.45
N TRP F 102 18.29 13.22 4.26
CA TRP F 102 17.04 13.17 4.99
C TRP F 102 15.85 13.08 4.04
N VAL F 103 15.83 13.94 3.01
CA VAL F 103 14.70 13.95 2.08
C VAL F 103 14.58 12.62 1.37
N ALA F 104 15.68 12.14 0.77
CA ALA F 104 15.64 10.93 -0.03
C ALA F 104 15.54 9.66 0.80
N GLY F 105 15.73 9.74 2.11
CA GLY F 105 15.61 8.57 2.95
C GLY F 105 14.28 8.45 3.66
N LEU F 106 13.72 9.60 4.09
CA LEU F 106 12.47 9.59 4.83
C LEU F 106 11.33 10.28 4.11
N LYS F 107 11.58 11.44 3.49
CA LYS F 107 10.51 12.20 2.86
C LYS F 107 10.11 11.61 1.52
N MET F 108 11.05 11.06 0.78
CA MET F 108 10.79 10.54 -0.56
C MET F 108 10.50 9.04 -0.50
N GLN F 109 10.23 8.47 -1.67
CA GLN F 109 9.93 7.05 -1.79
C GLN F 109 11.23 6.26 -1.92
N ARG F 110 11.12 4.98 -2.28
CA ARG F 110 12.28 4.12 -2.45
C ARG F 110 12.35 3.61 -3.88
N THR F 111 12.17 4.51 -4.85
CA THR F 111 12.22 4.14 -6.25
C THR F 111 13.63 3.67 -6.63
N VAL F 112 13.75 3.14 -7.85
CA VAL F 112 15.01 2.54 -8.30
C VAL F 112 16.12 3.58 -8.32
N ASN F 113 15.84 4.77 -8.83
CA ASN F 113 16.86 5.81 -8.94
C ASN F 113 17.25 6.41 -7.60
N THR F 114 16.54 6.09 -6.52
CA THR F 114 16.85 6.66 -5.22
C THR F 114 18.10 6.05 -4.61
N ILE F 115 18.29 4.73 -4.74
CA ILE F 115 19.36 4.03 -4.05
C ILE F 115 20.71 4.63 -4.40
N TRP F 116 20.92 4.96 -5.68
CA TRP F 116 22.18 5.58 -6.08
C TRP F 116 22.42 6.88 -5.33
N PHE F 117 21.39 7.72 -5.24
CA PHE F 117 21.55 9.00 -4.55
C PHE F 117 21.84 8.79 -3.07
N LEU F 118 21.11 7.87 -2.42
CA LEU F 118 21.35 7.63 -1.00
C LEU F 118 22.78 7.14 -0.75
N HIS F 119 23.25 6.19 -1.55
CA HIS F 119 24.61 5.68 -1.35
C HIS F 119 25.65 6.75 -1.63
N LEU F 120 25.48 7.53 -2.70
CA LEU F 120 26.43 8.58 -3.03
C LEU F 120 26.51 9.63 -1.92
N THR F 121 25.35 10.06 -1.42
CA THR F 121 25.35 11.04 -0.34
C THR F 121 25.92 10.46 0.95
N LEU F 122 25.69 9.17 1.21
CA LEU F 122 26.28 8.54 2.39
C LEU F 122 27.80 8.57 2.32
N ALA F 123 28.36 8.21 1.14
CA ALA F 123 29.81 8.25 0.99
C ALA F 123 30.34 9.68 1.11
N ASP F 124 29.64 10.64 0.52
CA ASP F 124 30.10 12.02 0.57
C ASP F 124 30.04 12.58 1.99
N LEU F 125 29.01 12.22 2.76
CA LEU F 125 28.94 12.70 4.13
C LEU F 125 29.95 12.01 5.03
N LEU F 126 30.28 10.75 4.73
CA LEU F 126 31.39 10.11 5.43
C LEU F 126 32.70 10.86 5.17
N CYS F 127 32.93 11.26 3.91
CA CYS F 127 34.11 12.07 3.60
C CYS F 127 34.08 13.40 4.34
N CYS F 128 32.92 14.06 4.38
CA CYS F 128 32.81 15.34 5.07
C CYS F 128 33.07 15.19 6.57
N LEU F 129 32.56 14.12 7.17
CA LEU F 129 32.80 13.87 8.59
C LEU F 129 34.25 13.51 8.85
N SER F 130 34.94 12.92 7.87
CA SER F 130 36.36 12.63 8.03
C SER F 130 37.24 13.84 7.77
N LEU F 131 36.70 14.88 7.12
CA LEU F 131 37.47 16.10 6.87
C LEU F 131 38.12 16.72 8.11
N PRO F 132 37.47 16.81 9.27
CA PRO F 132 38.16 17.43 10.43
C PRO F 132 39.47 16.77 10.81
N PHE F 133 39.61 15.46 10.57
CA PHE F 133 40.91 14.82 10.81
C PHE F 133 41.98 15.42 9.92
N SER F 134 41.68 15.60 8.64
CA SER F 134 42.64 16.22 7.72
C SER F 134 42.92 17.66 8.11
N LEU F 135 41.90 18.40 8.52
CA LEU F 135 42.09 19.78 8.94
C LEU F 135 43.03 19.86 10.15
N ALA F 136 42.79 19.00 11.15
CA ALA F 136 43.65 18.98 12.33
C ALA F 136 45.07 18.57 11.99
N HIS F 137 45.23 17.59 11.10
CA HIS F 137 46.57 17.17 10.72
C HIS F 137 47.31 18.29 9.99
N LEU F 138 46.63 18.98 9.08
CA LEU F 138 47.24 20.09 8.38
C LEU F 138 47.54 21.26 9.30
N ALA F 139 46.78 21.41 10.39
CA ALA F 139 47.08 22.46 11.36
C ALA F 139 48.44 22.23 12.02
N LEU F 140 48.79 20.97 12.29
CA LEU F 140 50.04 20.63 12.95
C LEU F 140 51.11 20.12 12.01
N GLN F 141 50.73 19.64 10.82
CA GLN F 141 51.68 19.11 9.83
C GLN F 141 52.48 17.94 10.39
N GLY F 142 51.76 16.87 10.72
CA GLY F 142 52.37 15.68 11.28
C GLY F 142 52.17 15.57 12.77
N GLN F 143 53.02 14.79 13.43
CA GLN F 143 52.97 14.60 14.88
C GLN F 143 51.59 14.11 15.33
N TRP F 144 51.24 12.92 14.85
CA TRP F 144 49.95 12.30 15.12
C TRP F 144 49.76 12.12 16.63
N PRO F 145 48.84 12.88 17.25
CA PRO F 145 48.66 12.79 18.69
C PRO F 145 47.86 11.59 19.14
N TYR F 146 47.09 10.97 18.26
CA TYR F 146 46.29 9.80 18.61
C TYR F 146 47.17 8.56 18.67
N GLY F 147 46.53 7.41 18.86
CA GLY F 147 47.22 6.14 18.94
C GLY F 147 47.42 5.50 17.58
N ARG F 148 47.91 4.26 17.61
CA ARG F 148 48.14 3.52 16.37
C ARG F 148 46.83 3.25 15.64
N PHE F 149 45.77 2.94 16.38
CA PHE F 149 44.53 2.53 15.74
C PHE F 149 43.90 3.65 14.94
N LEU F 150 44.01 4.90 15.39
CA LEU F 150 43.46 6.02 14.64
C LEU F 150 44.18 6.19 13.31
N CYS F 151 45.52 6.14 13.33
CA CYS F 151 46.28 6.24 12.08
C CYS F 151 46.12 5.00 11.20
N LYS F 152 45.68 3.88 11.77
CA LYS F 152 45.38 2.70 10.96
C LYS F 152 43.98 2.72 10.37
N LEU F 153 43.04 3.43 11.00
CA LEU F 153 41.65 3.44 10.58
C LEU F 153 41.29 4.64 9.71
N ILE F 154 41.59 5.86 10.17
CA ILE F 154 41.08 7.05 9.47
C ILE F 154 41.59 7.14 8.03
N PRO F 155 42.91 7.03 7.74
CA PRO F 155 43.33 7.08 6.33
C PRO F 155 43.19 5.73 5.67
N SER F 156 42.11 5.05 5.98
CA SER F 156 41.52 3.94 5.25
C SER F 156 40.03 4.14 5.05
N ILE F 157 39.34 4.65 6.06
CA ILE F 157 37.92 4.99 5.91
C ILE F 157 37.77 6.15 4.93
N ILE F 158 38.73 7.09 4.93
CA ILE F 158 38.66 8.19 3.98
C ILE F 158 38.75 7.67 2.55
N VAL F 159 39.71 6.78 2.29
CA VAL F 159 39.87 6.21 0.96
C VAL F 159 38.64 5.40 0.57
N LEU F 160 38.11 4.62 1.53
CA LEU F 160 36.88 3.87 1.29
C LEU F 160 35.75 4.78 0.83
N ASN F 161 35.53 5.88 1.57
CA ASN F 161 34.43 6.78 1.24
C ASN F 161 34.62 7.42 -0.13
N MET F 162 35.83 7.93 -0.39
CA MET F 162 36.06 8.61 -1.67
C MET F 162 35.90 7.65 -2.85
N PHE F 163 36.45 6.44 -2.75
CA PHE F 163 36.36 5.52 -3.87
C PHE F 163 34.96 4.95 -4.01
N ALA F 164 34.22 4.81 -2.91
CA ALA F 164 32.81 4.44 -3.02
C ALA F 164 32.03 5.51 -3.76
N SER F 165 32.32 6.78 -3.47
CA SER F 165 31.66 7.87 -4.21
C SER F 165 31.99 7.81 -5.69
N VAL F 166 33.26 7.59 -6.02
CA VAL F 166 33.67 7.56 -7.43
C VAL F 166 32.98 6.40 -8.15
N PHE F 167 32.98 5.22 -7.53
CA PHE F 167 32.36 4.06 -8.16
C PHE F 167 30.84 4.22 -8.27
N LEU F 168 30.22 4.89 -7.30
CA LEU F 168 28.78 5.15 -7.40
C LEU F 168 28.48 6.11 -8.55
N LEU F 169 29.33 7.12 -8.75
CA LEU F 169 29.16 7.99 -9.91
C LEU F 169 29.30 7.21 -11.22
N THR F 170 30.28 6.32 -11.28
CA THR F 170 30.45 5.49 -12.47
C THR F 170 29.22 4.62 -12.71
N ALA F 171 28.68 4.02 -11.64
CA ALA F 171 27.49 3.19 -11.77
C ALA F 171 26.28 4.02 -12.21
N ILE F 172 26.17 5.25 -11.71
CA ILE F 172 25.08 6.13 -12.12
C ILE F 172 25.15 6.40 -13.62
N SER F 173 26.35 6.72 -14.11
CA SER F 173 26.51 6.96 -15.54
C SER F 173 26.20 5.71 -16.36
N LEU F 174 26.67 4.55 -15.90
CA LEU F 174 26.39 3.30 -16.60
C LEU F 174 24.90 3.03 -16.66
N ASP F 175 24.19 3.25 -15.55
CA ASP F 175 22.74 3.04 -15.53
C ASP F 175 22.04 4.02 -16.45
N ARG F 176 22.49 5.27 -16.49
CA ARG F 176 21.88 6.26 -17.37
C ARG F 176 22.03 5.87 -18.83
N CYS F 177 23.19 5.32 -19.20
CA CYS F 177 23.35 4.84 -20.58
C CYS F 177 22.52 3.60 -20.84
N LEU F 178 22.49 2.67 -19.87
CA LEU F 178 21.82 1.39 -20.07
C LEU F 178 20.31 1.56 -20.20
N VAL F 179 19.71 2.44 -19.41
CA VAL F 179 18.26 2.64 -19.46
C VAL F 179 17.83 3.19 -20.81
N VAL F 180 18.73 3.83 -21.54
CA VAL F 180 18.46 4.36 -22.87
C VAL F 180 18.70 3.31 -23.95
N PHE F 181 19.87 2.70 -23.95
CA PHE F 181 20.22 1.81 -25.06
C PHE F 181 19.51 0.46 -25.00
N LYS F 182 18.91 0.09 -23.88
CA LYS F 182 18.18 -1.17 -23.74
C LYS F 182 16.82 -0.90 -23.13
N PRO F 183 15.89 -0.35 -23.91
CA PRO F 183 14.58 0.02 -23.33
C PRO F 183 13.70 -1.16 -23.04
N ILE F 184 13.66 -2.17 -23.92
CA ILE F 184 12.82 -3.34 -23.68
C ILE F 184 13.32 -4.12 -22.47
N TRP F 185 14.64 -4.29 -22.37
CA TRP F 185 15.19 -5.07 -21.26
C TRP F 185 15.08 -4.34 -19.94
N CYS F 186 15.24 -3.01 -19.95
CA CYS F 186 15.26 -2.27 -18.69
C CYS F 186 13.89 -2.10 -18.06
N GLN F 187 12.85 -2.70 -18.62
CA GLN F 187 11.54 -2.71 -17.96
C GLN F 187 11.23 -4.02 -17.26
N ASN F 188 11.73 -5.14 -17.77
CA ASN F 188 11.50 -6.43 -17.13
C ASN F 188 12.46 -6.65 -15.97
N HIS F 189 13.76 -6.66 -16.24
CA HIS F 189 14.76 -6.96 -15.22
C HIS F 189 15.43 -5.68 -14.75
N ARG F 190 14.65 -4.88 -14.02
CA ARG F 190 15.17 -3.64 -13.42
C ARG F 190 14.27 -3.31 -12.23
N ASN F 191 14.78 -3.51 -11.03
CA ASN F 191 14.04 -3.26 -9.80
C ASN F 191 14.99 -2.77 -8.73
N VAL F 192 14.47 -2.57 -7.52
CA VAL F 192 15.28 -2.08 -6.42
C VAL F 192 16.31 -3.13 -5.98
N GLY F 193 15.98 -4.41 -6.12
CA GLY F 193 16.91 -5.44 -5.72
C GLY F 193 18.19 -5.43 -6.51
N MET F 194 18.10 -5.21 -7.82
CA MET F 194 19.30 -5.11 -8.65
C MET F 194 20.15 -3.92 -8.23
N ALA F 195 19.52 -2.79 -7.94
CA ALA F 195 20.27 -1.62 -7.50
C ALA F 195 20.97 -1.88 -6.18
N CYS F 196 20.29 -2.55 -5.24
CA CYS F 196 20.90 -2.89 -3.96
C CYS F 196 22.09 -3.83 -4.16
N SER F 197 21.94 -4.82 -5.04
CA SER F 197 23.04 -5.74 -5.31
C SER F 197 24.24 -5.02 -5.91
N ILE F 198 23.99 -4.12 -6.85
CA ILE F 198 25.08 -3.37 -7.47
C ILE F 198 25.77 -2.48 -6.45
N CYS F 199 25.00 -1.82 -5.59
CA CYS F 199 25.60 -0.99 -4.55
C CYS F 199 26.43 -1.82 -3.59
N GLY F 200 25.94 -3.00 -3.22
CA GLY F 200 26.71 -3.88 -2.36
C GLY F 200 28.01 -4.32 -2.99
N CYS F 201 27.97 -4.70 -4.27
CA CYS F 201 29.19 -5.09 -4.97
C CYS F 201 30.17 -3.93 -5.06
N ILE F 202 29.66 -2.72 -5.30
CA ILE F 202 30.51 -1.53 -5.35
C ILE F 202 31.19 -1.32 -4.00
N TRP F 203 30.43 -1.45 -2.91
CA TRP F 203 31.01 -1.29 -1.58
C TRP F 203 32.06 -2.35 -1.31
N VAL F 204 31.81 -3.60 -1.74
CA VAL F 204 32.80 -4.66 -1.54
C VAL F 204 34.08 -4.36 -2.30
N VAL F 205 33.96 -3.91 -3.55
CA VAL F 205 35.15 -3.58 -4.33
C VAL F 205 35.91 -2.43 -3.69
N ALA F 206 35.19 -1.42 -3.19
CA ALA F 206 35.84 -0.31 -2.52
C ALA F 206 36.57 -0.79 -1.26
N PHE F 207 35.97 -1.71 -0.51
CA PHE F 207 36.62 -2.23 0.69
C PHE F 207 37.86 -3.03 0.34
N VAL F 208 37.80 -3.81 -0.75
CA VAL F 208 38.99 -4.53 -1.20
C VAL F 208 40.10 -3.56 -1.59
N MET F 209 39.75 -2.47 -2.29
CA MET F 209 40.74 -1.46 -2.63
C MET F 209 41.29 -0.76 -1.39
N CYS F 210 40.47 -0.67 -0.34
CA CYS F 210 40.89 -0.04 0.91
C CYS F 210 41.82 -0.93 1.74
N ILE F 211 41.66 -2.26 1.60
CA ILE F 211 42.45 -3.18 2.43
C ILE F 211 43.95 -2.94 2.38
N PRO F 212 44.58 -2.73 1.21
CA PRO F 212 46.06 -2.64 1.19
C PRO F 212 46.64 -1.56 2.10
N VAL F 213 45.93 -0.46 2.32
CA VAL F 213 46.45 0.57 3.24
C VAL F 213 46.21 0.22 4.70
N PHE F 214 45.44 -0.83 4.99
CA PHE F 214 45.17 -1.25 6.35
C PHE F 214 46.26 -2.12 6.94
N VAL F 215 47.20 -2.61 6.12
CA VAL F 215 48.23 -3.53 6.56
C VAL F 215 49.63 -3.03 6.25
N TYR F 216 49.79 -1.74 5.93
CA TYR F 216 51.09 -1.19 5.57
C TYR F 216 51.35 0.14 6.28
N ARG F 217 50.83 0.32 7.48
CA ARG F 217 50.96 1.56 8.22
C ARG F 217 51.62 1.33 9.56
N GLU F 218 52.48 2.24 9.96
CA GLU F 218 53.12 2.21 11.27
C GLU F 218 53.49 3.63 11.67
N ILE F 219 54.14 3.77 12.82
CA ILE F 219 54.57 5.07 13.33
C ILE F 219 56.09 5.06 13.46
N PHE F 220 56.74 6.01 12.80
CA PHE F 220 58.17 6.17 12.97
C PHE F 220 58.47 6.78 14.33
N THR F 221 59.57 6.34 14.96
CA THR F 221 59.93 6.86 16.27
C THR F 221 60.24 8.35 16.20
N THR F 222 61.13 8.74 15.30
CA THR F 222 61.47 10.15 15.02
C THR F 222 61.84 10.86 16.33
N ASP F 223 61.49 12.14 16.42
CA ASP F 223 61.75 12.94 17.62
C ASP F 223 60.59 12.74 18.60
N ASN F 224 60.52 13.60 19.62
CA ASN F 224 59.42 13.51 20.59
C ASN F 224 58.07 13.58 19.90
N HIS F 225 57.93 14.43 18.90
CA HIS F 225 56.73 14.48 18.07
C HIS F 225 56.94 13.53 16.89
N ASN F 226 56.20 12.43 16.88
CA ASN F 226 56.35 11.39 15.87
C ASN F 226 55.19 11.45 14.89
N ARG F 227 55.52 11.47 13.60
CA ARG F 227 54.52 11.51 12.53
C ARG F 227 54.26 10.09 12.04
N CYS F 228 52.98 9.74 11.94
CA CYS F 228 52.57 8.40 11.52
C CYS F 228 52.40 8.37 10.01
N GLY F 229 52.79 7.25 9.41
CA GLY F 229 52.73 7.10 7.98
C GLY F 229 53.60 5.94 7.52
N TYR F 230 53.94 5.95 6.24
CA TYR F 230 54.76 4.91 5.66
C TYR F 230 55.42 5.36 4.37
N THR F 387 58.60 -0.22 -1.78
CA THR F 387 58.56 -1.02 -3.01
C THR F 387 57.11 -1.33 -3.47
N PRO F 388 56.22 -1.75 -2.56
CA PRO F 388 54.81 -1.91 -2.97
C PRO F 388 54.12 -0.60 -3.27
N LEU F 389 54.77 0.55 -3.02
CA LEU F 389 54.15 1.84 -3.29
C LEU F 389 53.82 1.99 -4.77
N VAL F 390 54.71 1.56 -5.65
CA VAL F 390 54.45 1.68 -7.07
C VAL F 390 53.23 0.85 -7.47
N ALA F 391 53.14 -0.39 -6.97
CA ALA F 391 52.02 -1.24 -7.32
C ALA F 391 50.70 -0.64 -6.81
N ILE F 392 50.67 -0.23 -5.53
CA ILE F 392 49.43 0.29 -4.98
C ILE F 392 49.02 1.58 -5.69
N THR F 393 49.98 2.46 -5.97
CA THR F 393 49.65 3.74 -6.61
C THR F 393 49.19 3.53 -8.05
N ILE F 394 49.82 2.61 -8.78
CA ILE F 394 49.40 2.35 -10.15
C ILE F 394 48.02 1.73 -10.18
N THR F 395 47.74 0.77 -9.29
CA THR F 395 46.40 0.19 -9.24
C THR F 395 45.36 1.24 -8.89
N ARG F 396 45.67 2.10 -7.91
CA ARG F 396 44.77 3.18 -7.55
C ARG F 396 44.50 4.09 -8.75
N LEU F 397 45.56 4.54 -9.42
CA LEU F 397 45.41 5.39 -10.60
C LEU F 397 44.51 4.74 -11.63
N VAL F 398 44.81 3.50 -12.01
CA VAL F 398 44.03 2.83 -13.04
C VAL F 398 42.56 2.77 -12.64
N VAL F 399 42.27 2.08 -11.54
CA VAL F 399 40.88 1.77 -11.21
C VAL F 399 40.08 3.00 -10.83
N GLY F 400 40.73 4.07 -10.36
CA GLY F 400 39.97 5.24 -9.95
C GLY F 400 39.96 6.38 -10.93
N PHE F 401 40.80 6.34 -11.96
CA PHE F 401 40.83 7.42 -12.94
C PHE F 401 40.52 6.96 -14.36
N LEU F 402 41.14 5.87 -14.82
CA LEU F 402 41.02 5.53 -16.23
C LEU F 402 39.64 4.96 -16.56
N LEU F 403 39.29 3.84 -15.93
CA LEU F 403 37.99 3.23 -16.19
C LEU F 403 36.82 4.14 -15.84
N PRO F 404 36.78 4.80 -14.67
CA PRO F 404 35.62 5.66 -14.39
C PRO F 404 35.44 6.80 -15.39
N SER F 405 36.51 7.55 -15.67
CA SER F 405 36.39 8.69 -16.57
C SER F 405 36.03 8.24 -17.98
N VAL F 406 36.64 7.16 -18.46
CA VAL F 406 36.33 6.65 -19.80
C VAL F 406 34.88 6.20 -19.86
N ILE F 407 34.40 5.50 -18.83
CA ILE F 407 33.02 5.03 -18.81
C ILE F 407 32.07 6.23 -18.83
N MET F 408 32.34 7.23 -18.00
CA MET F 408 31.46 8.40 -17.96
C MET F 408 31.43 9.11 -19.30
N ILE F 409 32.60 9.34 -19.91
CA ILE F 409 32.66 10.06 -21.17
C ILE F 409 31.93 9.29 -22.26
N ALA F 410 32.19 7.99 -22.36
CA ALA F 410 31.56 7.20 -23.41
C ALA F 410 30.05 7.15 -23.22
N CYS F 411 29.59 6.94 -21.98
CA CYS F 411 28.16 6.84 -21.72
C CYS F 411 27.45 8.15 -22.03
N TYR F 412 27.99 9.27 -21.57
CA TYR F 412 27.32 10.54 -21.80
C TYR F 412 27.37 10.93 -23.27
N SER F 413 28.48 10.65 -23.96
CA SER F 413 28.54 10.93 -25.39
C SER F 413 27.52 10.10 -26.16
N PHE F 414 27.38 8.83 -25.80
CA PHE F 414 26.40 7.98 -26.48
C PHE F 414 24.97 8.44 -26.19
N ILE F 415 24.69 8.88 -24.96
CA ILE F 415 23.36 9.41 -24.65
C ILE F 415 23.09 10.65 -25.48
N VAL F 416 24.07 11.55 -25.58
CA VAL F 416 23.89 12.76 -26.37
C VAL F 416 23.64 12.41 -27.83
N PHE F 417 24.40 11.45 -28.37
CA PHE F 417 24.19 11.03 -29.76
C PHE F 417 22.81 10.42 -29.97
N ARG F 418 22.35 9.59 -29.03
CA ARG F 418 21.06 8.94 -29.18
C ARG F 418 19.90 9.92 -28.99
N MET F 419 20.12 11.00 -28.24
CA MET F 419 19.06 11.97 -27.98
C MET F 419 18.87 12.97 -29.13
N GLN F 420 19.33 12.64 -30.33
CA GLN F 420 19.18 13.50 -31.51
C GLN F 420 18.70 12.68 -32.70
N ARG F 421 17.66 11.87 -32.49
CA ARG F 421 17.09 11.02 -33.53
C ARG F 421 15.57 11.13 -33.52
N GLY F 422 15.07 12.36 -33.51
CA GLY F 422 13.64 12.59 -33.60
C GLY F 422 12.94 12.62 -32.26
N ARG F 423 11.95 13.51 -32.12
CA ARG F 423 11.11 13.67 -30.95
C ARG F 423 11.92 14.20 -29.78
N PHE F 424 13.23 14.33 -29.96
CA PHE F 424 14.13 14.89 -28.95
C PHE F 424 14.90 16.10 -29.48
N ALA F 425 14.47 16.68 -30.61
CA ALA F 425 15.15 17.85 -31.15
C ALA F 425 15.02 19.04 -30.21
N LYS F 426 13.91 19.15 -29.50
CA LYS F 426 13.80 20.17 -28.46
C LYS F 426 14.85 19.94 -27.38
N SER F 427 15.08 18.67 -27.02
CA SER F 427 16.17 18.31 -26.13
C SER F 427 17.48 18.23 -26.90
N GLN F 428 18.51 17.68 -26.26
CA GLN F 428 19.90 17.63 -26.72
C GLN F 428 20.57 19.00 -26.65
N SER F 429 19.86 20.04 -26.23
CA SER F 429 20.47 21.28 -25.79
C SER F 429 20.53 21.40 -24.28
N LYS F 430 19.75 20.60 -23.56
CA LYS F 430 19.81 20.53 -22.10
C LYS F 430 20.53 19.29 -21.61
N THR F 431 20.36 18.16 -22.29
CA THR F 431 21.12 16.96 -21.95
C THR F 431 22.61 17.15 -22.19
N PHE F 432 22.96 17.79 -23.31
CA PHE F 432 24.36 18.01 -23.62
C PHE F 432 25.03 18.89 -22.57
N ARG F 433 24.35 19.97 -22.15
CA ARG F 433 24.93 20.87 -21.16
C ARG F 433 25.16 20.15 -19.82
N VAL F 434 24.17 19.38 -19.37
CA VAL F 434 24.30 18.67 -18.11
C VAL F 434 25.43 17.65 -18.20
N ALA F 435 25.48 16.89 -19.30
CA ALA F 435 26.52 15.88 -19.46
C ALA F 435 27.91 16.51 -19.45
N VAL F 436 28.09 17.59 -20.22
CA VAL F 436 29.42 18.18 -20.32
C VAL F 436 29.82 18.82 -19.01
N VAL F 437 28.89 19.46 -18.29
CA VAL F 437 29.27 20.08 -17.03
C VAL F 437 29.60 19.03 -15.99
N VAL F 438 28.86 17.91 -15.96
CA VAL F 438 29.15 16.86 -15.00
C VAL F 438 30.51 16.23 -15.28
N VAL F 439 30.79 15.90 -16.55
CA VAL F 439 32.07 15.30 -16.89
C VAL F 439 33.21 16.28 -16.61
N ALA F 440 33.03 17.55 -16.94
CA ALA F 440 34.07 18.53 -16.70
C ALA F 440 34.37 18.68 -15.22
N VAL F 441 33.32 18.74 -14.38
CA VAL F 441 33.53 18.87 -12.94
C VAL F 441 34.26 17.64 -12.41
N PHE F 442 33.81 16.45 -12.80
CA PHE F 442 34.46 15.24 -12.31
C PHE F 442 35.92 15.17 -12.74
N LEU F 443 36.21 15.56 -13.99
CA LEU F 443 37.56 15.43 -14.49
C LEU F 443 38.48 16.51 -13.93
N VAL F 444 37.94 17.68 -13.60
CA VAL F 444 38.77 18.74 -13.06
C VAL F 444 38.96 18.62 -11.55
N CYS F 445 38.06 17.92 -10.85
CA CYS F 445 38.20 17.78 -9.41
C CYS F 445 39.07 16.61 -8.99
N TRP F 446 39.52 15.78 -9.92
CA TRP F 446 40.36 14.64 -9.58
C TRP F 446 41.68 14.56 -10.34
N THR F 447 41.80 15.23 -11.49
CA THR F 447 43.04 15.10 -12.28
C THR F 447 44.28 15.60 -11.53
N PRO F 448 44.30 16.80 -10.93
CA PRO F 448 45.53 17.23 -10.26
C PRO F 448 45.95 16.30 -9.13
N TYR F 449 44.98 15.71 -8.43
CA TYR F 449 45.31 14.81 -7.33
C TYR F 449 46.11 13.61 -7.82
N HIS F 450 45.65 12.98 -8.90
CA HIS F 450 46.37 11.82 -9.43
C HIS F 450 47.66 12.22 -10.13
N ILE F 451 47.70 13.38 -10.79
CA ILE F 451 48.96 13.83 -11.37
C ILE F 451 50.00 14.02 -10.28
N PHE F 452 49.61 14.63 -9.16
CA PHE F 452 50.53 14.79 -8.04
C PHE F 452 50.91 13.45 -7.44
N GLY F 453 49.96 12.51 -7.37
CA GLY F 453 50.29 11.18 -6.87
C GLY F 453 51.34 10.48 -7.71
N VAL F 454 51.21 10.56 -9.03
CA VAL F 454 52.22 9.97 -9.90
C VAL F 454 53.54 10.73 -9.80
N LEU F 455 53.47 12.05 -9.66
CA LEU F 455 54.69 12.84 -9.55
C LEU F 455 55.47 12.50 -8.28
N SER F 456 54.75 12.17 -7.21
CA SER F 456 55.42 11.77 -5.96
C SER F 456 56.28 10.54 -6.19
N LEU F 457 55.76 9.56 -6.94
CA LEU F 457 56.58 8.43 -7.34
C LEU F 457 57.71 8.87 -8.26
N LEU F 458 57.41 9.77 -9.20
CA LEU F 458 58.42 10.18 -10.18
C LEU F 458 59.53 10.99 -9.54
N THR F 459 59.18 11.95 -8.68
CA THR F 459 60.16 12.84 -8.06
C THR F 459 60.77 12.17 -6.84
N ASP F 460 62.10 12.17 -6.77
CA ASP F 460 62.79 11.64 -5.62
C ASP F 460 62.58 12.54 -4.41
N PRO F 461 62.54 11.97 -3.20
CA PRO F 461 62.36 12.80 -2.00
C PRO F 461 63.61 13.59 -1.66
N GLU F 462 63.55 14.37 -0.57
CA GLU F 462 64.66 15.20 -0.12
C GLU F 462 65.12 16.17 -1.21
N THR F 463 64.15 16.70 -1.96
CA THR F 463 64.40 17.65 -3.03
C THR F 463 63.36 18.76 -2.90
N PRO F 464 63.76 20.03 -3.07
CA PRO F 464 62.80 21.13 -2.92
C PRO F 464 61.58 21.00 -3.81
N LEU F 465 61.75 20.51 -5.04
CA LEU F 465 60.60 20.27 -5.90
C LEU F 465 59.65 19.26 -5.26
N GLY F 466 60.20 18.20 -4.67
CA GLY F 466 59.37 17.27 -3.94
C GLY F 466 58.70 17.89 -2.73
N LYS F 467 59.40 18.82 -2.07
CA LYS F 467 58.79 19.51 -0.92
C LYS F 467 57.57 20.32 -1.36
N THR F 468 57.69 21.07 -2.45
CA THR F 468 56.53 21.79 -2.97
C THR F 468 55.45 20.82 -3.44
N LEU F 469 55.87 19.67 -3.97
CA LEU F 469 54.91 18.65 -4.41
C LEU F 469 54.04 18.20 -3.25
N MET F 470 54.67 17.80 -2.14
CA MET F 470 53.91 17.39 -0.96
C MET F 470 53.15 18.56 -0.35
N SER F 471 53.67 19.80 -0.49
CA SER F 471 52.96 20.95 0.03
C SER F 471 51.63 21.17 -0.69
N TRP F 472 51.65 21.08 -2.02
CA TRP F 472 50.43 21.25 -2.80
C TRP F 472 49.56 20.00 -2.80
N ASP F 473 50.09 18.87 -2.34
CA ASP F 473 49.25 17.68 -2.16
C ASP F 473 48.07 17.99 -1.23
N HIS F 474 48.26 18.89 -0.27
CA HIS F 474 47.16 19.29 0.59
C HIS F 474 46.04 19.95 -0.20
N VAL F 475 46.40 20.85 -1.13
CA VAL F 475 45.39 21.48 -1.98
C VAL F 475 44.74 20.45 -2.88
N CYS F 476 45.50 19.46 -3.33
CA CYS F 476 44.93 18.38 -4.14
C CYS F 476 43.87 17.62 -3.35
N ILE F 477 44.17 17.28 -2.10
CA ILE F 477 43.20 16.61 -1.24
C ILE F 477 41.98 17.49 -1.02
N ALA F 478 42.20 18.79 -0.84
CA ALA F 478 41.09 19.71 -0.65
C ALA F 478 40.17 19.73 -1.86
N LEU F 479 40.74 19.74 -3.06
CA LEU F 479 39.92 19.68 -4.27
C LEU F 479 39.18 18.35 -4.38
N ALA F 480 39.85 17.26 -4.00
CA ALA F 480 39.20 15.95 -4.04
C ALA F 480 37.98 15.91 -3.11
N SER F 481 38.09 16.54 -1.93
CA SER F 481 36.96 16.61 -1.02
C SER F 481 35.89 17.57 -1.53
N ALA F 482 36.30 18.66 -2.17
CA ALA F 482 35.34 19.57 -2.78
C ALA F 482 34.53 18.86 -3.86
N ASN F 483 35.11 17.86 -4.51
CA ASN F 483 34.34 17.05 -5.46
C ASN F 483 33.15 16.39 -4.79
N SER F 484 33.39 15.74 -3.65
CA SER F 484 32.30 15.10 -2.92
C SER F 484 31.32 16.14 -2.40
N CYS F 485 31.80 17.33 -2.05
CA CYS F 485 30.89 18.40 -1.65
C CYS F 485 29.98 18.82 -2.80
N PHE F 486 30.53 18.90 -4.02
CA PHE F 486 29.77 19.36 -5.17
C PHE F 486 28.82 18.30 -5.70
N ASN F 487 29.14 17.01 -5.50
CA ASN F 487 28.35 15.94 -6.10
C ASN F 487 26.84 16.01 -5.81
N PRO F 488 26.38 16.25 -4.58
CA PRO F 488 24.92 16.33 -4.37
C PRO F 488 24.25 17.44 -5.16
N PHE F 489 24.92 18.58 -5.32
CA PHE F 489 24.33 19.68 -6.07
C PHE F 489 24.18 19.33 -7.55
N LEU F 490 25.12 18.59 -8.10
CA LEU F 490 25.13 18.26 -9.52
C LEU F 490 24.41 16.97 -9.85
N TYR F 491 24.03 16.17 -8.85
CA TYR F 491 23.34 14.91 -9.13
C TYR F 491 21.95 14.84 -8.51
N ALA F 492 21.81 15.17 -7.24
CA ALA F 492 20.52 15.04 -6.58
C ALA F 492 19.56 16.17 -6.94
N LEU F 493 20.07 17.38 -7.15
CA LEU F 493 19.18 18.52 -7.36
C LEU F 493 18.57 18.54 -8.75
N LEU F 494 19.17 17.84 -9.72
CA LEU F 494 18.58 17.82 -11.05
C LEU F 494 17.30 17.01 -11.13
N GLY F 495 16.97 16.27 -10.08
CA GLY F 495 15.72 15.52 -10.01
C GLY F 495 14.56 16.39 -9.58
N LYS F 496 14.02 17.19 -10.51
CA LYS F 496 13.04 18.25 -10.23
C LYS F 496 12.03 17.88 -9.14
N ASP F 497 11.55 16.64 -9.16
CA ASP F 497 10.65 16.20 -8.09
C ASP F 497 11.34 16.23 -6.74
N PHE F 498 12.59 15.78 -6.69
CA PHE F 498 13.32 15.76 -5.41
C PHE F 498 13.55 17.17 -4.89
N ARG F 499 13.94 18.11 -5.76
CA ARG F 499 14.17 19.47 -5.29
C ARG F 499 12.86 20.14 -4.89
N LYS F 500 11.77 19.84 -5.60
CA LYS F 500 10.47 20.38 -5.19
C LYS F 500 10.06 19.85 -3.82
N LYS F 501 10.25 18.55 -3.59
CA LYS F 501 9.90 17.98 -2.29
C LYS F 501 10.78 18.56 -1.19
N ALA F 502 12.07 18.75 -1.47
CA ALA F 502 12.96 19.34 -0.48
C ALA F 502 12.56 20.78 -0.16
N ARG F 503 12.20 21.55 -1.19
CA ARG F 503 11.74 22.91 -0.97
C ARG F 503 10.47 22.93 -0.13
N GLN F 504 9.55 21.99 -0.39
CA GLN F 504 8.35 21.88 0.43
C GLN F 504 8.71 21.56 1.88
N SER F 505 9.65 20.64 2.09
CA SER F 505 10.09 20.31 3.44
C SER F 505 10.79 21.48 4.11
N ILE F 506 11.64 22.18 3.38
CA ILE F 506 12.39 23.29 3.93
C ILE F 506 11.60 24.59 3.77
#